data_9IV3
#
_entry.id   9IV3
#
_cell.length_a   127.284
_cell.length_b   129.576
_cell.length_c   78.272
_cell.angle_alpha   90.00
_cell.angle_beta   110.44
_cell.angle_gamma   90.00
#
_symmetry.space_group_name_H-M   'C 1 2 1'
#
loop_
_entity.id
_entity.type
_entity.pdbx_description
1 polymer 'Carboxysome shell protein CcmK1'
2 polymer 'Slr1911 protein'
3 water water
#
loop_
_entity_poly.entity_id
_entity_poly.type
_entity_poly.pdbx_seq_one_letter_code
_entity_poly.pdbx_strand_id
1 'polypeptide(L)'
;MDYKDDDDKSSGMSIAVGMIETLGFPAVVEAADSMVKAARVTLVGYEKIGSGRVTVIVRGDVSEVQASVTAGIENIRRVN
GGEVLSNHIIARPHENLEYVLPIRYTEAVEQFREIVNPSIIRR
;
A,B,C,D,E,F
2 'polypeptide(L)'
;PWRYRLDQFTKEEQTALGALAWAFYQQWPAKEQYLGLDLHPQAHFISCAPQAIAQLNDQVNGRIQEMVGILYGYDPRTEV
AIFVIGPTQFKLLFFQPIPDPASCFAALGLTIEELKHRLEKTLQEKLALEHHHHHH
;
G,H
#
# COMPACT_ATOMS: atom_id res chain seq x y z
N SER A 14 -0.26 26.50 17.33
CA SER A 14 -0.11 25.90 16.01
C SER A 14 0.92 26.67 15.18
N ILE A 15 2.10 26.08 15.03
CA ILE A 15 3.18 26.71 14.26
C ILE A 15 2.89 26.56 12.78
N ALA A 16 3.65 27.28 11.95
CA ALA A 16 3.43 27.25 10.51
C ALA A 16 3.76 25.87 9.94
N VAL A 17 3.29 25.64 8.72
CA VAL A 17 3.51 24.38 8.02
C VAL A 17 4.01 24.69 6.61
N GLY A 18 5.09 24.01 6.21
CA GLY A 18 5.63 24.17 4.87
C GLY A 18 5.55 22.90 4.07
N MET A 19 5.11 23.01 2.81
CA MET A 19 4.88 21.84 1.97
C MET A 19 5.43 22.08 0.58
N ILE A 20 6.23 21.15 0.08
CA ILE A 20 6.73 21.15 -1.28
C ILE A 20 6.43 19.79 -1.90
N GLU A 21 5.69 19.79 -3.00
CA GLU A 21 5.37 18.56 -3.70
C GLU A 21 6.26 18.44 -4.93
N THR A 22 7.08 17.39 -4.97
CA THR A 22 8.00 17.14 -6.07
C THR A 22 7.55 15.93 -6.86
N LEU A 23 8.28 15.65 -7.94
CA LEU A 23 8.03 14.51 -8.81
C LEU A 23 9.20 13.55 -8.70
N GLY A 24 8.95 12.36 -8.16
CA GLY A 24 9.99 11.38 -7.98
C GLY A 24 10.62 11.43 -6.60
N PHE A 25 11.29 10.34 -6.25
CA PHE A 25 11.92 10.19 -4.94
C PHE A 25 13.22 10.99 -4.81
N PRO A 26 14.14 10.95 -5.77
CA PRO A 26 15.37 11.74 -5.62
C PRO A 26 15.12 13.23 -5.47
N ALA A 27 14.07 13.75 -6.09
CA ALA A 27 13.74 15.17 -5.92
C ALA A 27 13.21 15.45 -4.52
N VAL A 28 12.45 14.51 -3.95
CA VAL A 28 11.87 14.74 -2.64
C VAL A 28 12.90 14.59 -1.52
N VAL A 29 14.01 13.90 -1.77
CA VAL A 29 15.07 13.83 -0.77
C VAL A 29 15.90 15.12 -0.78
N GLU A 30 16.10 15.70 -1.96
CA GLU A 30 16.78 16.99 -2.05
C GLU A 30 15.94 18.09 -1.40
N ALA A 31 14.63 18.04 -1.58
CA ALA A 31 13.76 19.01 -0.93
C ALA A 31 13.80 18.86 0.59
N ALA A 32 13.75 17.62 1.09
CA ALA A 32 13.79 17.41 2.52
C ALA A 32 15.14 17.80 3.12
N ASP A 33 16.22 17.67 2.34
CA ASP A 33 17.54 18.03 2.84
C ASP A 33 17.76 19.53 2.79
N SER A 34 17.39 20.18 1.68
CA SER A 34 17.62 21.61 1.53
C SER A 34 16.74 22.44 2.46
N MET A 35 15.64 21.89 2.94
CA MET A 35 14.73 22.65 3.79
C MET A 35 15.11 22.61 5.27
N VAL A 36 15.73 21.53 5.73
CA VAL A 36 16.05 21.41 7.15
C VAL A 36 17.36 22.12 7.48
N LYS A 37 18.30 22.17 6.55
CA LYS A 37 19.60 22.81 6.79
C LYS A 37 19.60 24.29 6.39
N ALA A 38 18.44 24.85 6.06
CA ALA A 38 18.33 26.26 5.73
C ALA A 38 17.46 27.03 6.71
N ALA A 39 16.90 26.37 7.72
CA ALA A 39 16.03 27.04 8.69
C ALA A 39 15.89 26.13 9.91
N ARG A 40 15.26 26.68 10.94
CA ARG A 40 14.96 25.92 12.16
C ARG A 40 13.58 25.27 12.07
N VAL A 41 13.34 24.52 11.00
CA VAL A 41 12.08 23.84 10.79
C VAL A 41 12.24 22.38 11.19
N THR A 42 11.11 21.77 11.57
CA THR A 42 11.08 20.37 11.96
C THR A 42 10.55 19.54 10.80
N LEU A 43 11.34 18.55 10.37
CA LEU A 43 10.90 17.68 9.30
C LEU A 43 9.80 16.75 9.81
N VAL A 44 8.60 16.90 9.23
CA VAL A 44 7.48 16.05 9.63
C VAL A 44 7.50 14.73 8.88
N GLY A 45 7.79 14.77 7.59
CA GLY A 45 7.81 13.58 6.77
C GLY A 45 7.35 13.89 5.37
N TYR A 46 7.27 12.84 4.56
CA TYR A 46 6.79 12.96 3.19
C TYR A 46 5.55 12.09 2.99
N GLU A 47 4.62 12.60 2.18
CA GLU A 47 3.32 11.96 1.96
C GLU A 47 3.23 11.52 0.51
N LYS A 48 2.97 10.23 0.30
CA LYS A 48 2.78 9.68 -1.03
C LYS A 48 1.30 9.65 -1.36
N ILE A 49 0.94 10.19 -2.54
CA ILE A 49 -0.44 10.25 -2.98
C ILE A 49 -0.66 9.59 -4.34
N GLY A 50 0.40 9.11 -4.98
CA GLY A 50 0.26 8.43 -6.25
C GLY A 50 0.80 9.27 -7.40
N SER A 51 1.03 8.58 -8.54
CA SER A 51 1.57 9.18 -9.75
C SER A 51 2.96 9.79 -9.51
N GLY A 52 3.72 9.20 -8.60
CA GLY A 52 5.05 9.71 -8.31
C GLY A 52 5.08 11.07 -7.65
N ARG A 53 3.99 11.48 -7.01
CA ARG A 53 3.88 12.78 -6.37
C ARG A 53 4.11 12.61 -4.87
N VAL A 54 5.20 13.21 -4.37
CA VAL A 54 5.55 13.14 -2.96
C VAL A 54 5.68 14.56 -2.43
N THR A 55 5.25 14.78 -1.19
CA THR A 55 5.22 16.10 -0.58
C THR A 55 5.96 16.07 0.75
N VAL A 56 7.02 16.85 0.88
CA VAL A 56 7.70 17.01 2.16
C VAL A 56 6.98 18.04 3.01
N ILE A 57 6.97 17.82 4.32
CA ILE A 57 6.22 18.66 5.26
C ILE A 57 7.17 19.08 6.38
N VAL A 58 7.23 20.39 6.63
CA VAL A 58 8.03 20.93 7.72
C VAL A 58 7.13 21.79 8.60
N ARG A 59 7.54 21.93 9.86
CA ARG A 59 6.84 22.76 10.83
C ARG A 59 7.84 23.67 11.54
N GLY A 60 7.36 24.84 11.93
CA GLY A 60 8.21 25.79 12.62
C GLY A 60 7.63 27.20 12.52
N ASP A 61 8.49 28.17 12.85
CA ASP A 61 8.09 29.57 12.78
C ASP A 61 7.79 29.96 11.33
N VAL A 62 6.93 30.96 11.18
CA VAL A 62 6.55 31.42 9.85
C VAL A 62 7.76 31.93 9.08
N SER A 63 8.65 32.66 9.77
CA SER A 63 9.86 33.16 9.12
C SER A 63 10.76 32.01 8.68
N GLU A 64 10.92 30.99 9.52
CA GLU A 64 11.77 29.87 9.16
C GLU A 64 11.17 29.06 8.01
N VAL A 65 9.85 28.81 8.06
CA VAL A 65 9.20 28.03 7.02
C VAL A 65 9.28 28.75 5.67
N GLN A 66 9.15 30.08 5.68
CA GLN A 66 9.24 30.84 4.44
C GLN A 66 10.61 30.67 3.78
N ALA A 67 11.69 30.83 4.56
CA ALA A 67 13.02 30.63 4.00
C ALA A 67 13.30 29.16 3.73
N SER A 68 12.69 28.26 4.50
CA SER A 68 12.91 26.83 4.29
C SER A 68 12.29 26.37 2.98
N VAL A 69 11.02 26.71 2.74
CA VAL A 69 10.34 26.31 1.52
C VAL A 69 11.01 26.96 0.31
N THR A 70 11.46 28.20 0.46
CA THR A 70 12.15 28.87 -0.64
C THR A 70 13.46 28.16 -0.99
N ALA A 71 14.16 27.62 0.02
CA ALA A 71 15.41 26.91 -0.26
C ALA A 71 15.16 25.60 -0.99
N GLY A 72 14.03 24.94 -0.71
CA GLY A 72 13.75 23.68 -1.39
C GLY A 72 13.44 23.86 -2.86
N ILE A 73 12.79 24.98 -3.21
CA ILE A 73 12.39 25.20 -4.59
C ILE A 73 13.61 25.48 -5.46
N GLU A 74 14.54 26.29 -4.98
CA GLU A 74 15.73 26.63 -5.76
C GLU A 74 16.74 25.48 -5.85
N ASN A 75 16.55 24.41 -5.09
CA ASN A 75 17.43 23.25 -5.17
C ASN A 75 16.89 22.15 -6.08
N ILE A 76 15.58 22.14 -6.35
CA ILE A 76 15.03 21.11 -7.24
C ILE A 76 15.38 21.42 -8.69
N ARG A 77 15.55 22.70 -9.03
CA ARG A 77 15.96 23.06 -10.39
C ARG A 77 17.29 22.41 -10.75
N ARG A 78 18.16 22.19 -9.77
CA ARG A 78 19.43 21.50 -9.98
C ARG A 78 19.33 20.00 -9.81
N VAL A 79 18.16 19.43 -10.04
CA VAL A 79 17.95 17.98 -10.01
C VAL A 79 17.59 17.54 -11.43
N ASN A 80 18.48 16.76 -12.04
CA ASN A 80 18.27 16.26 -13.40
C ASN A 80 17.10 15.30 -13.39
N GLY A 81 15.90 15.81 -13.71
CA GLY A 81 14.69 15.01 -13.72
C GLY A 81 13.70 15.38 -12.64
N GLY A 82 14.07 16.24 -11.69
CA GLY A 82 13.15 16.66 -10.66
C GLY A 82 12.35 17.89 -11.06
N GLU A 83 11.21 18.08 -10.40
CA GLU A 83 10.31 19.18 -10.70
C GLU A 83 9.47 19.49 -9.48
N VAL A 84 9.19 20.78 -9.29
CA VAL A 84 8.29 21.23 -8.23
C VAL A 84 6.87 21.23 -8.78
N LEU A 85 6.00 20.41 -8.20
CA LEU A 85 4.61 20.32 -8.62
C LEU A 85 3.74 21.33 -7.89
N SER A 86 3.84 21.37 -6.56
CA SER A 86 3.07 22.32 -5.78
C SER A 86 3.88 22.73 -4.55
N ASN A 87 3.54 23.90 -4.01
CA ASN A 87 4.17 24.40 -2.79
C ASN A 87 3.22 25.41 -2.15
N HIS A 88 3.11 25.34 -0.83
CA HIS A 88 2.19 26.21 -0.11
C HIS A 88 2.65 26.33 1.34
N ILE A 89 2.36 27.49 1.93
CA ILE A 89 2.70 27.76 3.32
C ILE A 89 1.46 28.31 4.00
N ILE A 90 1.02 27.64 5.07
CA ILE A 90 -0.09 28.12 5.88
C ILE A 90 0.49 28.67 7.17
N ALA A 91 0.23 29.96 7.43
CA ALA A 91 0.83 30.63 8.58
C ALA A 91 0.37 30.00 9.89
N ARG A 92 -0.94 29.91 10.09
CA ARG A 92 -1.51 29.33 11.31
C ARG A 92 -2.55 28.28 10.93
N PRO A 93 -2.13 27.03 10.79
CA PRO A 93 -3.10 25.96 10.46
C PRO A 93 -4.09 25.75 11.60
N HIS A 94 -5.34 25.47 11.22
CA HIS A 94 -6.40 25.28 12.20
C HIS A 94 -6.08 24.10 13.11
N GLU A 95 -6.60 24.15 14.33
CA GLU A 95 -6.36 23.10 15.30
C GLU A 95 -6.87 21.75 14.80
N ASN A 96 -8.01 21.75 14.10
CA ASN A 96 -8.65 20.52 13.66
C ASN A 96 -7.85 19.82 12.56
N LEU A 97 -7.01 20.57 11.81
CA LEU A 97 -6.21 19.94 10.77
C LEU A 97 -5.16 19.00 11.36
N GLU A 98 -4.72 19.26 12.59
CA GLU A 98 -3.69 18.43 13.21
C GLU A 98 -4.18 17.00 13.41
N TYR A 99 -5.47 16.81 13.64
CA TYR A 99 -6.04 15.50 13.92
C TYR A 99 -6.48 14.76 12.67
N VAL A 100 -6.45 15.40 11.51
CA VAL A 100 -6.95 14.78 10.28
C VAL A 100 -5.82 14.61 9.27
N LEU A 101 -5.20 15.73 8.90
CA LEU A 101 -4.14 15.69 7.91
C LEU A 101 -2.80 15.31 8.54
N PRO A 102 -1.93 14.62 7.80
CA PRO A 102 -0.62 14.20 8.36
C PRO A 102 0.38 15.34 8.44
N ILE A 103 0.13 16.26 9.37
CA ILE A 103 0.99 17.42 9.56
C ILE A 103 1.65 17.44 10.92
N ARG A 104 1.42 16.42 11.76
CA ARG A 104 2.07 16.33 13.06
C ARG A 104 3.44 15.67 12.92
N TYR A 105 4.16 15.61 14.05
CA TYR A 105 5.52 15.06 14.02
C TYR A 105 5.53 13.60 13.59
N THR A 106 4.54 12.83 14.02
CA THR A 106 4.46 11.42 13.66
C THR A 106 4.07 11.24 12.20
N SER B 14 28.61 -17.72 -14.87
CA SER B 14 28.46 -18.11 -13.48
C SER B 14 27.96 -16.95 -12.63
N ILE B 15 27.15 -17.29 -11.61
CA ILE B 15 26.56 -16.31 -10.71
C ILE B 15 25.80 -15.26 -11.51
N ALA B 16 24.98 -15.69 -12.47
CA ALA B 16 24.27 -14.77 -13.32
C ALA B 16 22.89 -14.45 -12.73
N VAL B 17 22.38 -13.28 -13.09
CA VAL B 17 21.04 -12.85 -12.71
C VAL B 17 20.32 -12.38 -13.97
N GLY B 18 19.22 -13.04 -14.32
CA GLY B 18 18.39 -12.64 -15.43
C GLY B 18 17.00 -12.33 -14.94
N MET B 19 16.34 -11.38 -15.62
CA MET B 19 15.03 -10.93 -15.20
C MET B 19 14.27 -10.37 -16.39
N ILE B 20 12.96 -10.52 -16.36
CA ILE B 20 12.07 -10.07 -17.42
C ILE B 20 10.94 -9.27 -16.79
N GLU B 21 10.72 -8.05 -17.27
CA GLU B 21 9.63 -7.21 -16.81
C GLU B 21 8.53 -7.20 -17.85
N THR B 22 7.30 -7.43 -17.41
CA THR B 22 6.14 -7.49 -18.29
C THR B 22 5.10 -6.45 -17.86
N LEU B 23 4.24 -6.09 -18.81
CA LEU B 23 3.05 -5.30 -18.53
C LEU B 23 1.89 -6.28 -18.44
N GLY B 24 1.52 -6.61 -17.21
CA GLY B 24 0.49 -7.62 -16.98
C GLY B 24 0.99 -8.77 -16.13
N PHE B 25 0.12 -9.31 -15.28
CA PHE B 25 0.51 -10.39 -14.37
C PHE B 25 0.53 -11.76 -15.03
N PRO B 26 -0.46 -12.14 -15.86
CA PRO B 26 -0.39 -13.47 -16.48
C PRO B 26 0.85 -13.71 -17.32
N ALA B 27 1.38 -12.67 -17.97
CA ALA B 27 2.55 -12.85 -18.82
C ALA B 27 3.80 -13.10 -18.00
N VAL B 28 3.90 -12.51 -16.80
CA VAL B 28 5.10 -12.69 -15.99
C VAL B 28 5.13 -14.08 -15.38
N VAL B 29 3.97 -14.71 -15.20
CA VAL B 29 3.95 -16.06 -14.66
C VAL B 29 4.39 -17.06 -15.72
N GLU B 30 3.93 -16.88 -16.96
CA GLU B 30 4.42 -17.72 -18.05
C GLU B 30 5.91 -17.50 -18.29
N ALA B 31 6.41 -16.28 -18.08
CA ALA B 31 7.83 -16.03 -18.19
C ALA B 31 8.62 -16.84 -17.17
N ALA B 32 8.22 -16.76 -15.90
CA ALA B 32 8.92 -17.49 -14.85
C ALA B 32 8.81 -19.00 -15.05
N ASP B 33 7.69 -19.47 -15.60
CA ASP B 33 7.55 -20.90 -15.85
C ASP B 33 8.43 -21.37 -17.00
N SER B 34 8.68 -20.49 -17.98
CA SER B 34 9.49 -20.87 -19.14
C SER B 34 10.97 -20.80 -18.84
N MET B 35 11.39 -19.87 -17.99
CA MET B 35 12.82 -19.71 -17.69
C MET B 35 13.35 -20.92 -16.93
N VAL B 36 12.69 -21.29 -15.83
CA VAL B 36 13.15 -22.40 -15.00
C VAL B 36 13.00 -23.75 -15.68
N LYS B 37 12.23 -23.84 -16.76
CA LYS B 37 12.05 -25.11 -17.45
C LYS B 37 13.01 -25.30 -18.62
N ALA B 38 13.39 -24.23 -19.31
CA ALA B 38 14.27 -24.35 -20.46
C ALA B 38 15.74 -24.42 -20.10
N ALA B 39 16.09 -24.17 -18.84
CA ALA B 39 17.49 -24.20 -18.42
C ALA B 39 17.54 -24.41 -16.92
N ARG B 40 18.73 -24.76 -16.43
CA ARG B 40 18.95 -25.02 -15.00
C ARG B 40 19.19 -23.70 -14.27
N VAL B 41 18.11 -22.93 -14.12
CA VAL B 41 18.11 -21.68 -13.38
C VAL B 41 17.10 -21.80 -12.24
N THR B 42 17.19 -20.87 -11.30
CA THR B 42 16.35 -20.86 -10.11
C THR B 42 15.63 -19.53 -10.00
N LEU B 43 14.30 -19.56 -10.10
CA LEU B 43 13.50 -18.36 -9.85
C LEU B 43 13.62 -17.95 -8.40
N VAL B 44 14.15 -16.76 -8.14
CA VAL B 44 14.47 -16.33 -6.79
C VAL B 44 13.60 -15.16 -6.32
N GLY B 45 13.09 -14.34 -7.21
CA GLY B 45 12.38 -13.14 -6.80
C GLY B 45 11.28 -12.76 -7.74
N TYR B 46 10.23 -12.14 -7.17
CA TYR B 46 9.12 -11.57 -7.92
C TYR B 46 8.86 -10.18 -7.37
N GLU B 47 8.98 -9.16 -8.22
CA GLU B 47 8.95 -7.78 -7.78
C GLU B 47 7.84 -7.01 -8.48
N LYS B 48 7.14 -6.16 -7.71
CA LYS B 48 6.10 -5.29 -8.21
C LYS B 48 6.48 -3.85 -7.91
N ILE B 49 6.33 -2.98 -8.90
CA ILE B 49 6.72 -1.58 -8.74
C ILE B 49 5.58 -0.68 -9.21
N GLY B 50 4.44 -1.28 -9.50
CA GLY B 50 3.28 -0.51 -9.90
C GLY B 50 3.23 -0.29 -11.40
N SER B 51 2.17 0.39 -11.84
CA SER B 51 1.90 0.64 -13.26
C SER B 51 1.89 -0.66 -14.07
N GLY B 52 1.39 -1.73 -13.46
CA GLY B 52 1.33 -3.01 -14.14
C GLY B 52 2.67 -3.64 -14.45
N ARG B 53 3.76 -3.10 -13.93
CA ARG B 53 5.10 -3.63 -14.18
C ARG B 53 5.43 -4.67 -13.12
N VAL B 54 5.72 -5.89 -13.55
CA VAL B 54 6.11 -6.98 -12.66
C VAL B 54 7.31 -7.68 -13.27
N THR B 55 8.24 -8.11 -12.41
CA THR B 55 9.49 -8.69 -12.84
C THR B 55 9.76 -9.98 -12.07
N VAL B 56 10.23 -11.00 -12.80
CA VAL B 56 10.63 -12.27 -12.21
C VAL B 56 12.14 -12.42 -12.38
N ILE B 57 12.84 -12.66 -11.28
CA ILE B 57 14.30 -12.69 -11.26
C ILE B 57 14.75 -14.12 -11.02
N VAL B 58 15.72 -14.58 -11.82
CA VAL B 58 16.28 -15.92 -11.70
C VAL B 58 17.79 -15.82 -11.57
N ARG B 59 18.39 -16.90 -11.07
CA ARG B 59 19.83 -17.00 -10.91
C ARG B 59 20.31 -18.30 -11.55
N GLY B 60 21.57 -18.31 -11.95
CA GLY B 60 22.16 -19.49 -12.55
C GLY B 60 23.45 -19.15 -13.27
N ASP B 61 23.88 -20.08 -14.11
CA ASP B 61 25.05 -19.87 -14.93
C ASP B 61 24.79 -18.78 -15.97
N VAL B 62 25.88 -18.17 -16.46
CA VAL B 62 25.74 -17.11 -17.46
C VAL B 62 25.13 -17.66 -18.74
N SER B 63 25.45 -18.91 -19.09
CA SER B 63 24.90 -19.52 -20.29
C SER B 63 23.50 -20.04 -20.07
N GLU B 64 23.19 -20.53 -18.87
CA GLU B 64 21.84 -21.03 -18.58
C GLU B 64 20.83 -19.89 -18.58
N VAL B 65 21.22 -18.73 -18.07
CA VAL B 65 20.29 -17.60 -17.99
C VAL B 65 19.97 -17.06 -19.38
N GLN B 66 20.99 -16.93 -20.24
CA GLN B 66 20.77 -16.44 -21.59
C GLN B 66 19.76 -17.28 -22.35
N ALA B 67 19.73 -18.59 -22.08
CA ALA B 67 18.74 -19.44 -22.73
C ALA B 67 17.38 -19.34 -22.04
N SER B 68 17.38 -19.19 -20.72
CA SER B 68 16.11 -19.11 -19.99
C SER B 68 15.39 -17.80 -20.28
N VAL B 69 16.14 -16.69 -20.36
CA VAL B 69 15.52 -15.40 -20.64
C VAL B 69 14.94 -15.38 -22.06
N THR B 70 15.68 -15.90 -23.03
CA THR B 70 15.17 -15.97 -24.40
C THR B 70 13.95 -16.87 -24.48
N ALA B 71 13.96 -17.99 -23.73
CA ALA B 71 12.77 -18.83 -23.66
C ALA B 71 11.61 -18.10 -22.99
N GLY B 72 11.92 -17.19 -22.06
CA GLY B 72 10.86 -16.43 -21.42
C GLY B 72 10.22 -15.42 -22.36
N ILE B 73 11.04 -14.70 -23.11
CA ILE B 73 10.50 -13.71 -24.04
C ILE B 73 9.70 -14.37 -25.15
N GLU B 74 10.11 -15.56 -25.58
CA GLU B 74 9.39 -16.25 -26.66
C GLU B 74 8.01 -16.70 -26.21
N ASN B 75 7.90 -17.25 -24.99
CA ASN B 75 6.62 -17.78 -24.53
C ASN B 75 5.63 -16.68 -24.22
N ILE B 76 6.11 -15.48 -23.85
CA ILE B 76 5.20 -14.37 -23.58
C ILE B 76 4.46 -13.97 -24.85
N ARG B 77 5.11 -14.13 -26.01
CA ARG B 77 4.45 -13.84 -27.28
C ARG B 77 3.22 -14.71 -27.48
N ARG B 78 3.20 -15.90 -26.89
CA ARG B 78 2.07 -16.82 -26.98
C ARG B 78 1.07 -16.62 -25.85
N VAL B 79 1.24 -15.60 -25.02
CA VAL B 79 0.28 -15.27 -23.96
C VAL B 79 -0.74 -14.29 -24.53
N ASN B 80 -2.02 -14.57 -24.32
CA ASN B 80 -3.08 -13.68 -24.77
C ASN B 80 -3.02 -12.38 -23.99
N GLY B 81 -2.59 -11.31 -24.65
CA GLY B 81 -2.46 -10.01 -24.03
C GLY B 81 -1.12 -9.75 -23.37
N GLY B 82 -0.21 -10.71 -23.37
CA GLY B 82 1.09 -10.51 -22.75
C GLY B 82 1.93 -9.48 -23.50
N GLU B 83 2.79 -8.80 -22.75
CA GLU B 83 3.67 -7.79 -23.32
C GLU B 83 4.92 -7.68 -22.47
N VAL B 84 6.08 -7.64 -23.12
CA VAL B 84 7.36 -7.53 -22.45
C VAL B 84 7.76 -6.06 -22.40
N LEU B 85 7.97 -5.54 -21.20
CA LEU B 85 8.41 -4.15 -21.03
C LEU B 85 9.92 -4.02 -21.12
N SER B 86 10.65 -4.88 -20.41
CA SER B 86 12.10 -4.84 -20.41
C SER B 86 12.64 -6.19 -19.98
N ASN B 87 13.89 -6.45 -20.34
CA ASN B 87 14.58 -7.66 -19.92
C ASN B 87 16.08 -7.37 -19.89
N HIS B 88 16.77 -7.98 -18.94
CA HIS B 88 18.19 -7.71 -18.75
C HIS B 88 18.86 -8.92 -18.10
N ILE B 89 20.15 -9.09 -18.41
CA ILE B 89 20.98 -10.14 -17.84
C ILE B 89 22.29 -9.52 -17.39
N ILE B 90 22.70 -9.83 -16.16
CA ILE B 90 23.99 -9.40 -15.62
C ILE B 90 24.88 -10.63 -15.48
N ALA B 91 26.10 -10.53 -16.00
CA ALA B 91 27.02 -11.68 -16.01
C ALA B 91 27.27 -12.18 -14.60
N ARG B 92 27.79 -11.32 -13.74
CA ARG B 92 27.94 -11.65 -12.32
C ARG B 92 27.95 -10.37 -11.50
N PRO B 93 26.94 -10.16 -10.66
CA PRO B 93 26.82 -8.90 -9.93
C PRO B 93 27.77 -8.85 -8.73
N HIS B 94 27.92 -7.63 -8.20
CA HIS B 94 28.76 -7.42 -7.04
C HIS B 94 28.16 -8.09 -5.81
N GLU B 95 29.02 -8.41 -4.84
CA GLU B 95 28.56 -9.12 -3.65
C GLU B 95 27.58 -8.28 -2.85
N ASN B 96 27.81 -6.97 -2.78
CA ASN B 96 26.91 -6.09 -2.03
C ASN B 96 25.52 -6.04 -2.64
N LEU B 97 25.36 -6.42 -3.90
CA LEU B 97 24.04 -6.48 -4.51
C LEU B 97 23.21 -7.63 -3.95
N GLU B 98 23.85 -8.68 -3.43
CA GLU B 98 23.12 -9.82 -2.89
C GLU B 98 22.43 -9.46 -1.58
N TYR B 99 23.06 -8.62 -0.76
CA TYR B 99 22.54 -8.26 0.56
C TYR B 99 21.58 -7.08 0.52
N VAL B 100 21.26 -6.56 -0.65
CA VAL B 100 20.38 -5.40 -0.76
C VAL B 100 19.19 -5.71 -1.66
N LEU B 101 19.46 -5.84 -2.97
CA LEU B 101 18.39 -6.04 -3.93
C LEU B 101 17.83 -7.45 -3.80
N PRO B 102 16.54 -7.64 -4.08
CA PRO B 102 15.96 -8.98 -3.94
C PRO B 102 16.36 -9.94 -5.06
N ILE B 103 17.67 -10.06 -5.31
CA ILE B 103 18.16 -11.02 -6.30
C ILE B 103 18.47 -12.37 -5.67
N ARG B 104 18.20 -12.54 -4.38
CA ARG B 104 18.46 -13.78 -3.66
C ARG B 104 17.14 -14.41 -3.25
N TYR B 105 17.21 -15.51 -2.50
CA TYR B 105 16.02 -16.26 -2.13
C TYR B 105 15.05 -15.40 -1.32
N THR B 106 15.56 -14.64 -0.36
CA THR B 106 14.72 -13.80 0.47
C THR B 106 14.23 -12.59 -0.30
N SER C 14 -34.86 -13.80 -4.93
CA SER C 14 -33.42 -13.77 -5.15
C SER C 14 -32.85 -12.37 -4.93
N ILE C 15 -31.59 -12.31 -4.50
CA ILE C 15 -30.92 -11.04 -4.25
C ILE C 15 -29.73 -10.92 -5.19
N ALA C 16 -29.21 -9.70 -5.30
CA ALA C 16 -28.10 -9.40 -6.18
C ALA C 16 -27.20 -8.36 -5.52
N VAL C 17 -26.06 -8.11 -6.15
CA VAL C 17 -25.07 -7.15 -5.67
C VAL C 17 -24.81 -6.15 -6.79
N GLY C 18 -25.02 -4.87 -6.51
CA GLY C 18 -24.77 -3.80 -7.46
C GLY C 18 -23.43 -3.12 -7.16
N MET C 19 -22.66 -2.90 -8.21
CA MET C 19 -21.32 -2.32 -8.10
C MET C 19 -21.16 -1.20 -9.11
N ILE C 20 -20.65 -0.07 -8.66
CA ILE C 20 -20.33 1.06 -9.54
C ILE C 20 -18.91 1.52 -9.20
N GLU C 21 -18.04 1.54 -10.20
CA GLU C 21 -16.67 2.00 -10.03
C GLU C 21 -16.52 3.37 -10.68
N THR C 22 -16.03 4.34 -9.91
CA THR C 22 -15.92 5.72 -10.36
C THR C 22 -14.47 6.18 -10.30
N LEU C 23 -14.14 7.13 -11.17
CA LEU C 23 -12.85 7.83 -11.11
C LEU C 23 -13.06 9.07 -10.25
N GLY C 24 -12.59 9.00 -9.01
CA GLY C 24 -12.78 10.09 -8.07
C GLY C 24 -13.58 9.69 -6.85
N PHE C 25 -13.21 10.23 -5.69
CA PHE C 25 -13.88 9.88 -4.44
C PHE C 25 -15.19 10.62 -4.25
N PRO C 26 -15.28 11.94 -4.51
CA PRO C 26 -16.58 12.61 -4.36
C PRO C 26 -17.68 12.01 -5.21
N ALA C 27 -17.35 11.50 -6.40
CA ALA C 27 -18.37 10.91 -7.25
C ALA C 27 -18.88 9.59 -6.66
N VAL C 28 -17.99 8.80 -6.06
CA VAL C 28 -18.41 7.54 -5.46
C VAL C 28 -19.26 7.77 -4.22
N VAL C 29 -19.11 8.92 -3.56
CA VAL C 29 -19.94 9.23 -2.41
C VAL C 29 -21.36 9.60 -2.87
N GLU C 30 -21.45 10.43 -3.90
CA GLU C 30 -22.75 10.72 -4.50
C GLU C 30 -23.36 9.47 -5.12
N ALA C 31 -22.52 8.56 -5.62
CA ALA C 31 -23.01 7.29 -6.15
C ALA C 31 -23.63 6.46 -5.04
N ALA C 32 -22.89 6.24 -3.95
CA ALA C 32 -23.42 5.45 -2.83
C ALA C 32 -24.66 6.10 -2.23
N ASP C 33 -24.73 7.43 -2.21
CA ASP C 33 -25.89 8.11 -1.65
C ASP C 33 -27.12 7.90 -2.52
N SER C 34 -26.97 8.01 -3.84
CA SER C 34 -28.12 7.89 -4.74
C SER C 34 -28.61 6.45 -4.85
N MET C 35 -27.70 5.48 -4.71
CA MET C 35 -28.09 4.09 -4.86
C MET C 35 -28.99 3.63 -3.71
N VAL C 36 -28.67 4.05 -2.49
CA VAL C 36 -29.45 3.63 -1.33
C VAL C 36 -30.70 4.48 -1.09
N LYS C 37 -30.89 5.55 -1.88
CA LYS C 37 -32.07 6.39 -1.75
C LYS C 37 -33.13 6.07 -2.79
N ALA C 38 -32.74 5.82 -4.03
CA ALA C 38 -33.69 5.57 -5.11
C ALA C 38 -34.10 4.11 -5.22
N ALA C 39 -33.72 3.27 -4.27
CA ALA C 39 -34.09 1.86 -4.30
C ALA C 39 -34.04 1.31 -2.88
N ARG C 40 -34.46 0.06 -2.75
CA ARG C 40 -34.50 -0.63 -1.46
C ARG C 40 -33.32 -1.59 -1.35
N VAL C 41 -32.13 -1.02 -1.28
CA VAL C 41 -30.88 -1.76 -1.21
C VAL C 41 -30.09 -1.30 0.01
N THR C 42 -29.08 -2.10 0.36
CA THR C 42 -28.20 -1.81 1.49
C THR C 42 -26.79 -1.58 0.97
N LEU C 43 -26.21 -0.44 1.32
CA LEU C 43 -24.81 -0.19 1.02
C LEU C 43 -23.94 -1.09 1.88
N VAL C 44 -23.35 -2.12 1.26
CA VAL C 44 -22.66 -3.16 2.01
C VAL C 44 -21.14 -3.04 1.96
N GLY C 45 -20.58 -2.32 1.00
CA GLY C 45 -19.14 -2.29 0.86
C GLY C 45 -18.62 -1.07 0.15
N TYR C 46 -17.33 -0.82 0.35
CA TYR C 46 -16.62 0.27 -0.32
C TYR C 46 -15.17 -0.17 -0.46
N GLU C 47 -14.75 -0.44 -1.68
CA GLU C 47 -13.45 -1.04 -1.95
C GLU C 47 -12.63 -0.12 -2.85
N LYS C 48 -11.31 -0.15 -2.64
CA LYS C 48 -10.37 0.69 -3.38
C LYS C 48 -9.28 -0.21 -3.97
N ILE C 49 -8.97 0.00 -5.24
CA ILE C 49 -7.92 -0.75 -5.92
C ILE C 49 -6.76 0.14 -6.35
N GLY C 50 -6.85 1.45 -6.12
CA GLY C 50 -5.78 2.35 -6.48
C GLY C 50 -5.98 2.99 -7.84
N SER C 51 -5.05 3.87 -8.17
CA SER C 51 -5.07 4.64 -9.42
C SER C 51 -6.34 5.46 -9.57
N GLY C 52 -6.90 5.89 -8.44
CA GLY C 52 -8.10 6.71 -8.47
C GLY C 52 -9.39 5.96 -8.73
N ARG C 53 -9.39 4.64 -8.59
CA ARG C 53 -10.57 3.82 -8.85
C ARG C 53 -11.14 3.33 -7.52
N VAL C 54 -12.39 3.69 -7.25
CA VAL C 54 -13.09 3.26 -6.05
C VAL C 54 -14.46 2.72 -6.45
N THR C 55 -14.93 1.72 -5.70
CA THR C 55 -16.16 1.02 -6.01
C THR C 55 -17.05 0.97 -4.78
N VAL C 56 -18.32 1.33 -4.95
CA VAL C 56 -19.34 1.16 -3.92
C VAL C 56 -20.18 -0.06 -4.26
N ILE C 57 -20.62 -0.77 -3.22
CA ILE C 57 -21.28 -2.06 -3.38
C ILE C 57 -22.59 -2.02 -2.61
N VAL C 58 -23.69 -2.32 -3.29
CA VAL C 58 -25.01 -2.40 -2.67
C VAL C 58 -25.51 -3.84 -2.78
N ARG C 59 -26.59 -4.12 -2.07
CA ARG C 59 -27.16 -5.46 -2.02
C ARG C 59 -28.66 -5.36 -1.74
N GLY C 60 -29.43 -6.24 -2.36
CA GLY C 60 -30.87 -6.25 -2.14
C GLY C 60 -31.56 -7.08 -3.21
N ASP C 61 -32.87 -6.90 -3.29
CA ASP C 61 -33.66 -7.56 -4.33
C ASP C 61 -33.12 -7.19 -5.70
N VAL C 62 -33.18 -8.15 -6.63
CA VAL C 62 -32.57 -7.97 -7.95
C VAL C 62 -33.13 -6.73 -8.63
N SER C 63 -34.45 -6.61 -8.66
CA SER C 63 -35.07 -5.43 -9.27
C SER C 63 -34.69 -4.16 -8.53
N GLU C 64 -34.63 -4.22 -7.20
CA GLU C 64 -34.20 -3.06 -6.43
C GLU C 64 -32.76 -2.68 -6.77
N VAL C 65 -31.88 -3.68 -6.90
CA VAL C 65 -30.49 -3.40 -7.24
C VAL C 65 -30.39 -2.79 -8.63
N GLN C 66 -31.18 -3.30 -9.58
CA GLN C 66 -31.15 -2.76 -10.94
C GLN C 66 -31.52 -1.29 -10.97
N ALA C 67 -32.58 -0.93 -10.25
CA ALA C 67 -32.93 0.48 -10.14
C ALA C 67 -31.89 1.25 -9.33
N SER C 68 -31.22 0.58 -8.39
CA SER C 68 -30.19 1.22 -7.59
C SER C 68 -28.98 1.59 -8.44
N VAL C 69 -28.54 0.68 -9.30
CA VAL C 69 -27.36 0.93 -10.12
C VAL C 69 -27.66 2.01 -11.17
N THR C 70 -28.85 1.96 -11.77
CA THR C 70 -29.21 2.95 -12.78
C THR C 70 -29.28 4.35 -12.19
N ALA C 71 -29.83 4.48 -10.98
CA ALA C 71 -29.92 5.79 -10.35
C ALA C 71 -28.55 6.32 -9.97
N GLY C 72 -27.63 5.44 -9.55
CA GLY C 72 -26.31 5.90 -9.18
C GLY C 72 -25.53 6.48 -10.35
N ILE C 73 -25.59 5.82 -11.50
CA ILE C 73 -24.88 6.30 -12.67
C ILE C 73 -25.44 7.63 -13.16
N GLU C 74 -26.75 7.84 -13.01
CA GLU C 74 -27.36 9.08 -13.48
C GLU C 74 -26.92 10.27 -12.63
N ASN C 75 -26.57 10.04 -11.36
CA ASN C 75 -26.14 11.12 -10.49
C ASN C 75 -24.65 11.40 -10.59
N ILE C 76 -23.85 10.41 -10.98
CA ILE C 76 -22.42 10.64 -11.15
C ILE C 76 -22.16 11.60 -12.30
N ARG C 77 -22.98 11.52 -13.36
CA ARG C 77 -22.86 12.46 -14.47
C ARG C 77 -23.24 13.88 -14.07
N ARG C 78 -23.87 14.06 -12.91
CA ARG C 78 -24.19 15.40 -12.42
C ARG C 78 -22.99 16.07 -11.77
N VAL C 79 -22.18 15.30 -11.04
CA VAL C 79 -21.07 15.88 -10.30
C VAL C 79 -19.98 16.31 -11.27
N ASN C 80 -19.20 17.31 -10.86
CA ASN C 80 -18.13 17.85 -11.67
C ASN C 80 -16.81 17.15 -11.32
N GLY C 81 -16.14 16.65 -12.35
CA GLY C 81 -14.94 15.86 -12.15
C GLY C 81 -15.18 14.41 -11.79
N GLY C 82 -16.42 13.95 -11.88
CA GLY C 82 -16.76 12.56 -11.58
C GLY C 82 -17.08 11.79 -12.85
N GLU C 83 -16.62 10.55 -12.91
CA GLU C 83 -16.76 9.73 -14.10
C GLU C 83 -17.06 8.29 -13.68
N VAL C 84 -17.86 7.62 -14.51
CA VAL C 84 -18.16 6.21 -14.31
C VAL C 84 -17.15 5.38 -15.09
N LEU C 85 -16.51 4.43 -14.41
CA LEU C 85 -15.52 3.57 -15.03
C LEU C 85 -16.10 2.22 -15.44
N SER C 86 -16.76 1.53 -14.51
CA SER C 86 -17.41 0.26 -14.82
C SER C 86 -18.53 0.03 -13.83
N ASN C 87 -19.44 -0.87 -14.20
CA ASN C 87 -20.60 -1.17 -13.37
C ASN C 87 -21.14 -2.53 -13.77
N HIS C 88 -21.64 -3.28 -12.78
CA HIS C 88 -22.12 -4.62 -13.03
C HIS C 88 -23.01 -5.05 -11.87
N ILE C 89 -23.86 -6.04 -12.14
CA ILE C 89 -24.74 -6.63 -11.15
C ILE C 89 -24.49 -8.13 -11.14
N ILE C 90 -24.24 -8.69 -9.95
CA ILE C 90 -23.92 -10.09 -9.78
C ILE C 90 -25.00 -10.73 -8.92
N ALA C 91 -25.53 -11.87 -9.37
CA ALA C 91 -26.53 -12.59 -8.60
C ALA C 91 -25.89 -13.21 -7.36
N ARG C 92 -26.65 -13.22 -6.26
CA ARG C 92 -26.17 -13.74 -5.00
C ARG C 92 -27.09 -14.83 -4.47
N PRO C 93 -26.54 -15.88 -3.86
CA PRO C 93 -27.39 -16.90 -3.26
C PRO C 93 -28.22 -16.33 -2.12
N HIS C 94 -29.28 -17.05 -1.78
CA HIS C 94 -30.15 -16.62 -0.69
C HIS C 94 -29.42 -16.68 0.64
N GLU C 95 -29.71 -15.71 1.51
CA GLU C 95 -29.00 -15.57 2.77
C GLU C 95 -29.96 -15.04 3.82
N ASN C 96 -29.80 -15.52 5.06
CA ASN C 96 -30.60 -15.04 6.19
C ASN C 96 -30.02 -13.70 6.64
N LEU C 97 -30.41 -12.64 5.95
CA LEU C 97 -29.85 -11.32 6.20
C LEU C 97 -30.26 -10.82 7.57
N GLU C 98 -29.37 -10.03 8.18
CA GLU C 98 -29.57 -9.47 9.51
C GLU C 98 -29.49 -7.95 9.43
N TYR C 99 -30.24 -7.30 10.33
CA TYR C 99 -30.33 -5.83 10.34
C TYR C 99 -30.32 -5.37 11.79
N VAL C 100 -29.17 -4.91 12.25
CA VAL C 100 -29.03 -4.42 13.63
C VAL C 100 -29.58 -3.00 13.70
N LEU C 101 -30.55 -2.79 14.58
CA LEU C 101 -31.13 -1.46 14.74
C LEU C 101 -30.54 -0.78 15.96
N PRO C 102 -30.15 0.49 15.84
CA PRO C 102 -29.63 1.21 17.01
C PRO C 102 -30.68 1.33 18.11
N ILE C 103 -30.21 1.73 19.28
CA ILE C 103 -31.06 1.83 20.46
C ILE C 103 -32.06 2.96 20.33
N ARG C 104 -31.78 3.97 19.51
CA ARG C 104 -32.70 5.08 19.32
C ARG C 104 -33.98 4.68 18.62
N TYR C 105 -34.06 3.47 18.07
CA TYR C 105 -35.24 2.98 17.39
C TYR C 105 -35.94 1.85 18.14
N THR C 106 -35.70 1.75 19.46
CA THR C 106 -36.35 0.70 20.23
C THR C 106 -37.84 0.93 20.38
N GLU C 107 -38.28 2.19 20.34
CA GLU C 107 -39.71 2.48 20.44
C GLU C 107 -40.44 2.10 19.16
N ALA C 108 -39.79 2.28 18.01
CA ALA C 108 -40.42 1.93 16.74
C ALA C 108 -40.64 0.43 16.61
N VAL C 109 -39.73 -0.38 17.16
CA VAL C 109 -39.87 -1.82 17.08
C VAL C 109 -41.08 -2.29 17.91
N GLU C 110 -41.26 -1.73 19.10
CA GLU C 110 -42.37 -2.13 19.95
C GLU C 110 -43.70 -1.60 19.41
N GLN C 111 -43.69 -0.45 18.75
CA GLN C 111 -44.89 0.02 18.06
C GLN C 111 -45.26 -0.92 16.92
N PHE C 112 -44.25 -1.45 16.22
CA PHE C 112 -44.51 -2.43 15.17
C PHE C 112 -44.95 -3.76 15.75
N ARG C 113 -44.48 -4.10 16.97
CA ARG C 113 -44.83 -5.37 17.58
C ARG C 113 -46.30 -5.45 18.00
N GLU C 114 -46.98 -4.32 18.11
CA GLU C 114 -48.41 -4.32 18.43
C GLU C 114 -49.27 -4.42 17.18
N ILE C 115 -48.78 -3.96 16.04
CA ILE C 115 -49.57 -3.98 14.82
C ILE C 115 -49.67 -5.40 14.25
N VAL C 116 -48.69 -6.25 14.56
CA VAL C 116 -48.68 -7.60 13.99
C VAL C 116 -49.84 -8.41 14.55
N ASN C 117 -50.17 -9.49 13.85
CA ASN C 117 -51.25 -10.39 14.22
C ASN C 117 -50.68 -11.71 14.70
N PRO C 118 -51.03 -12.17 15.91
CA PRO C 118 -50.47 -13.44 16.40
C PRO C 118 -50.92 -14.65 15.59
N SER C 119 -52.09 -14.59 14.94
CA SER C 119 -52.63 -15.71 14.19
C SER C 119 -52.28 -15.53 12.72
N ILE C 120 -51.47 -16.43 12.17
CA ILE C 120 -51.18 -16.42 10.76
C ILE C 120 -52.37 -16.92 9.95
N ILE C 121 -53.31 -17.60 10.59
CA ILE C 121 -54.51 -18.08 9.92
C ILE C 121 -55.50 -16.93 9.80
N ARG C 122 -56.13 -16.83 8.63
CA ARG C 122 -57.11 -15.78 8.37
C ARG C 122 -58.31 -15.99 9.28
N ARG C 123 -58.37 -15.21 10.36
CA ARG C 123 -59.43 -15.32 11.37
C ARG C 123 -59.51 -16.73 11.94
N SER D 14 1.38 -30.64 -11.21
CA SER D 14 0.31 -31.56 -11.57
C SER D 14 -1.05 -30.85 -11.64
N ILE D 15 -1.23 -29.85 -10.78
CA ILE D 15 -2.45 -29.07 -10.74
C ILE D 15 -2.24 -27.81 -11.57
N ALA D 16 -3.11 -27.57 -12.54
CA ALA D 16 -2.97 -26.44 -13.43
C ALA D 16 -3.31 -25.14 -12.70
N VAL D 17 -2.94 -24.02 -13.34
CA VAL D 17 -3.22 -22.69 -12.83
C VAL D 17 -3.81 -21.85 -13.95
N GLY D 18 -4.95 -21.20 -13.67
CA GLY D 18 -5.58 -20.32 -14.62
C GLY D 18 -5.74 -18.94 -14.02
N MET D 19 -5.73 -17.93 -14.90
CA MET D 19 -5.74 -16.55 -14.42
C MET D 19 -6.27 -15.64 -15.51
N ILE D 20 -7.06 -14.64 -15.09
CA ILE D 20 -7.62 -13.64 -15.98
C ILE D 20 -7.31 -12.27 -15.39
N GLU D 21 -6.57 -11.46 -16.13
CA GLU D 21 -6.27 -10.10 -15.71
C GLU D 21 -7.35 -9.16 -16.23
N THR D 22 -7.91 -8.35 -15.33
CA THR D 22 -9.04 -7.51 -15.68
C THR D 22 -8.77 -6.07 -15.26
N LEU D 23 -9.26 -5.13 -16.07
CA LEU D 23 -9.22 -3.72 -15.75
C LEU D 23 -10.47 -3.34 -14.97
N GLY D 24 -10.28 -2.92 -13.72
CA GLY D 24 -11.40 -2.55 -12.87
C GLY D 24 -11.71 -3.62 -11.84
N PHE D 25 -12.44 -3.22 -10.81
CA PHE D 25 -12.82 -4.10 -9.71
C PHE D 25 -14.15 -4.82 -9.95
N PRO D 26 -15.20 -4.14 -10.43
CA PRO D 26 -16.47 -4.85 -10.65
C PRO D 26 -16.35 -6.02 -11.62
N ALA D 27 -15.50 -5.92 -12.64
CA ALA D 27 -15.30 -7.02 -13.56
C ALA D 27 -14.35 -8.08 -13.02
N VAL D 28 -13.65 -7.81 -11.92
CA VAL D 28 -12.86 -8.83 -11.26
C VAL D 28 -13.73 -9.72 -10.39
N VAL D 29 -14.66 -9.11 -9.64
CA VAL D 29 -15.60 -9.90 -8.84
C VAL D 29 -16.49 -10.74 -9.74
N GLU D 30 -16.87 -10.20 -10.90
CA GLU D 30 -17.64 -10.98 -11.86
C GLU D 30 -16.82 -12.14 -12.41
N ALA D 31 -15.52 -11.92 -12.62
CA ALA D 31 -14.66 -13.02 -13.07
C ALA D 31 -14.56 -14.11 -12.01
N ALA D 32 -14.24 -13.72 -10.77
CA ALA D 32 -14.10 -14.70 -9.71
C ALA D 32 -15.42 -15.43 -9.44
N ASP D 33 -16.55 -14.74 -9.57
CA ASP D 33 -17.84 -15.38 -9.35
C ASP D 33 -18.14 -16.41 -10.42
N SER D 34 -17.80 -16.12 -11.68
CA SER D 34 -18.08 -17.04 -12.77
C SER D 34 -17.08 -18.20 -12.82
N MET D 35 -15.82 -17.94 -12.45
CA MET D 35 -14.79 -18.98 -12.60
C MET D 35 -14.99 -20.12 -11.60
N VAL D 36 -15.55 -19.85 -10.43
CA VAL D 36 -15.72 -20.90 -9.45
C VAL D 36 -17.07 -21.62 -9.60
N LYS D 37 -18.11 -20.92 -10.06
CA LYS D 37 -19.42 -21.55 -10.20
C LYS D 37 -19.54 -22.39 -11.46
N ALA D 38 -18.62 -22.23 -12.42
CA ALA D 38 -18.70 -22.96 -13.68
C ALA D 38 -17.76 -24.16 -13.74
N ALA D 39 -16.92 -24.37 -12.74
CA ALA D 39 -15.98 -25.48 -12.77
C ALA D 39 -15.51 -25.78 -11.35
N ARG D 40 -14.98 -26.99 -11.18
CA ARG D 40 -14.48 -27.44 -9.88
C ARG D 40 -13.02 -27.00 -9.74
N VAL D 41 -12.87 -25.73 -9.39
CA VAL D 41 -11.56 -25.12 -9.16
C VAL D 41 -11.58 -24.42 -7.81
N THR D 42 -10.39 -24.04 -7.34
CA THR D 42 -10.23 -23.33 -6.08
C THR D 42 -9.66 -21.94 -6.34
N LEU D 43 -10.28 -20.92 -5.73
CA LEU D 43 -9.85 -19.54 -5.89
C LEU D 43 -8.78 -19.22 -4.85
N VAL D 44 -7.61 -18.77 -5.31
CA VAL D 44 -6.50 -18.47 -4.42
C VAL D 44 -6.32 -16.98 -4.20
N GLY D 45 -7.14 -16.14 -4.80
CA GLY D 45 -7.13 -14.71 -4.57
C GLY D 45 -6.90 -13.92 -5.84
N TYR D 46 -6.90 -12.60 -5.68
CA TYR D 46 -6.66 -11.67 -6.77
C TYR D 46 -5.43 -10.83 -6.46
N GLU D 47 -4.64 -10.54 -7.49
CA GLU D 47 -3.36 -9.86 -7.35
C GLU D 47 -3.40 -8.54 -8.10
N LYS D 48 -3.15 -7.45 -7.39
CA LYS D 48 -3.11 -6.11 -7.97
C LYS D 48 -1.66 -5.73 -8.29
N ILE D 49 -1.47 -5.11 -9.45
CA ILE D 49 -0.15 -4.69 -9.90
C ILE D 49 -0.09 -3.23 -10.31
N GLY D 50 -1.18 -2.48 -10.17
CA GLY D 50 -1.20 -1.09 -10.54
C GLY D 50 -2.01 -0.84 -11.80
N SER D 51 -2.41 0.43 -11.97
CA SER D 51 -3.23 0.86 -13.10
C SER D 51 -4.55 0.11 -13.16
N GLY D 52 -5.05 -0.33 -12.01
CA GLY D 52 -6.31 -1.06 -11.98
C GLY D 52 -6.26 -2.44 -12.59
N ARG D 53 -5.07 -3.01 -12.78
CA ARG D 53 -4.92 -4.32 -13.36
C ARG D 53 -4.92 -5.37 -12.24
N VAL D 54 -5.99 -6.14 -12.17
CA VAL D 54 -6.16 -7.18 -11.15
C VAL D 54 -6.34 -8.52 -11.85
N THR D 55 -5.69 -9.55 -11.31
CA THR D 55 -5.69 -10.88 -11.91
C THR D 55 -6.27 -11.89 -10.92
N VAL D 56 -7.31 -12.59 -11.33
CA VAL D 56 -7.94 -13.62 -10.50
C VAL D 56 -7.30 -14.96 -10.84
N ILE D 57 -6.72 -15.61 -9.84
CA ILE D 57 -5.97 -16.84 -10.01
C ILE D 57 -6.76 -18.01 -9.45
N VAL D 58 -6.82 -19.11 -10.19
CA VAL D 58 -7.51 -20.33 -9.77
C VAL D 58 -6.60 -21.53 -10.02
N ARG D 59 -6.82 -22.58 -9.24
CA ARG D 59 -6.09 -23.84 -9.38
C ARG D 59 -7.09 -24.98 -9.55
N GLY D 60 -6.65 -26.02 -10.24
CA GLY D 60 -7.48 -27.18 -10.45
C GLY D 60 -6.94 -28.03 -11.58
N ASP D 61 -7.75 -29.00 -11.99
CA ASP D 61 -7.40 -29.84 -13.12
C ASP D 61 -7.38 -29.04 -14.41
N VAL D 62 -6.52 -29.45 -15.34
CA VAL D 62 -6.31 -28.68 -16.57
C VAL D 62 -7.60 -28.56 -17.36
N SER D 63 -8.48 -29.55 -17.28
CA SER D 63 -9.78 -29.43 -17.93
C SER D 63 -10.73 -28.56 -17.13
N GLU D 64 -10.69 -28.66 -15.80
CA GLU D 64 -11.53 -27.81 -14.97
C GLU D 64 -11.06 -26.36 -14.97
N VAL D 65 -9.77 -26.13 -15.18
CA VAL D 65 -9.27 -24.77 -15.24
C VAL D 65 -9.64 -24.11 -16.55
N GLN D 66 -9.55 -24.86 -17.66
CA GLN D 66 -9.89 -24.30 -18.97
C GLN D 66 -11.35 -23.86 -19.03
N ALA D 67 -12.26 -24.70 -18.52
CA ALA D 67 -13.67 -24.31 -18.47
C ALA D 67 -13.89 -23.16 -17.50
N SER D 68 -13.07 -23.07 -16.46
CA SER D 68 -13.22 -21.98 -15.49
C SER D 68 -12.79 -20.65 -16.09
N VAL D 69 -11.68 -20.65 -16.85
CA VAL D 69 -11.21 -19.42 -17.48
C VAL D 69 -12.07 -19.04 -18.68
N THR D 70 -12.56 -20.03 -19.43
CA THR D 70 -13.42 -19.74 -20.57
C THR D 70 -14.73 -19.09 -20.11
N ALA D 71 -15.26 -19.54 -18.97
CA ALA D 71 -16.50 -18.94 -18.45
C ALA D 71 -16.26 -17.52 -17.96
N GLY D 72 -15.09 -17.27 -17.36
CA GLY D 72 -14.81 -15.94 -16.84
C GLY D 72 -14.69 -14.91 -17.94
N ILE D 73 -13.94 -15.23 -19.00
CA ILE D 73 -13.76 -14.28 -20.09
C ILE D 73 -15.09 -13.95 -20.76
N GLU D 74 -15.97 -14.94 -20.88
CA GLU D 74 -17.25 -14.72 -21.55
C GLU D 74 -18.18 -13.86 -20.70
N ASN D 75 -18.08 -13.97 -19.37
CA ASN D 75 -18.95 -13.18 -18.50
C ASN D 75 -18.53 -11.72 -18.45
N ILE D 76 -17.22 -11.45 -18.51
CA ILE D 76 -16.74 -10.08 -18.49
C ILE D 76 -17.13 -9.33 -19.76
N ARG D 77 -17.42 -10.05 -20.84
CA ARG D 77 -17.88 -9.40 -22.07
C ARG D 77 -19.16 -8.62 -21.83
N ARG D 78 -20.03 -9.11 -20.95
CA ARG D 78 -21.29 -8.43 -20.64
C ARG D 78 -21.15 -7.36 -19.57
N VAL D 79 -19.99 -7.27 -18.92
CA VAL D 79 -19.77 -6.24 -17.91
C VAL D 79 -19.64 -4.89 -18.60
N ASN D 80 -20.48 -3.94 -18.22
CA ASN D 80 -20.41 -2.59 -18.77
C ASN D 80 -19.13 -1.92 -18.31
N GLY D 81 -18.23 -1.63 -19.24
CA GLY D 81 -16.95 -1.05 -18.93
C GLY D 81 -15.87 -2.06 -18.58
N GLY D 82 -16.23 -3.32 -18.36
CA GLY D 82 -15.24 -4.33 -18.06
C GLY D 82 -14.47 -4.76 -19.30
N GLU D 83 -13.23 -5.17 -19.09
CA GLU D 83 -12.34 -5.53 -20.19
C GLU D 83 -11.35 -6.58 -19.70
N VAL D 84 -11.20 -7.66 -20.47
CA VAL D 84 -10.22 -8.69 -20.18
C VAL D 84 -8.90 -8.28 -20.83
N LEU D 85 -7.96 -7.80 -20.00
CA LEU D 85 -6.68 -7.35 -20.52
C LEU D 85 -5.78 -8.53 -20.92
N SER D 86 -5.69 -9.53 -20.07
CA SER D 86 -4.80 -10.66 -20.29
C SER D 86 -5.40 -11.91 -19.67
N ASN D 87 -5.05 -13.07 -20.24
CA ASN D 87 -5.53 -14.34 -19.73
C ASN D 87 -4.57 -15.43 -20.17
N HIS D 88 -4.35 -16.41 -19.30
CA HIS D 88 -3.40 -17.48 -19.59
C HIS D 88 -3.67 -18.66 -18.67
N ILE D 89 -3.32 -19.85 -19.15
CA ILE D 89 -3.44 -21.09 -18.39
C ILE D 89 -2.14 -21.87 -18.53
N ILE D 90 -1.65 -22.40 -17.42
CA ILE D 90 -0.46 -23.25 -17.40
C ILE D 90 -0.88 -24.62 -16.88
N ALA D 91 -0.74 -25.64 -17.72
CA ALA D 91 -1.24 -26.97 -17.38
C ALA D 91 -0.47 -27.58 -16.21
N ARG D 92 0.86 -27.45 -16.22
CA ARG D 92 1.70 -28.02 -15.17
C ARG D 92 2.78 -27.02 -14.79
N PRO D 93 2.49 -26.12 -13.85
CA PRO D 93 3.49 -25.13 -13.46
C PRO D 93 4.65 -25.76 -12.71
N HIS D 94 5.82 -25.17 -12.90
CA HIS D 94 7.02 -25.65 -12.22
C HIS D 94 6.87 -25.44 -10.72
N GLU D 95 7.40 -26.38 -9.94
CA GLU D 95 7.27 -26.32 -8.49
C GLU D 95 7.96 -25.10 -7.91
N ASN D 96 9.01 -24.62 -8.56
CA ASN D 96 9.73 -23.44 -8.07
C ASN D 96 8.85 -22.20 -8.10
N LEU D 97 7.84 -22.17 -8.97
CA LEU D 97 6.91 -21.05 -9.01
C LEU D 97 5.95 -21.05 -7.83
N GLU D 98 5.74 -22.21 -7.19
CA GLU D 98 4.79 -22.30 -6.10
C GLU D 98 5.24 -21.50 -4.87
N TYR D 99 6.55 -21.31 -4.71
CA TYR D 99 7.09 -20.64 -3.54
C TYR D 99 7.50 -19.19 -3.81
N VAL D 100 7.48 -18.75 -5.06
CA VAL D 100 7.89 -17.39 -5.43
C VAL D 100 6.68 -16.56 -5.85
N LEU D 101 5.89 -17.07 -6.80
CA LEU D 101 4.72 -16.34 -7.29
C LEU D 101 3.50 -16.64 -6.41
N PRO D 102 2.64 -15.64 -6.19
CA PRO D 102 1.46 -15.87 -5.34
C PRO D 102 0.39 -16.69 -6.03
N ILE D 103 0.64 -17.99 -6.19
CA ILE D 103 -0.32 -18.88 -6.86
C ILE D 103 -0.91 -19.93 -5.93
N ARG D 104 -0.40 -20.05 -4.71
CA ARG D 104 -0.98 -20.98 -3.74
C ARG D 104 -2.13 -20.33 -2.99
N TYR D 105 -2.94 -21.17 -2.36
CA TYR D 105 -4.12 -20.71 -1.61
C TYR D 105 -3.69 -20.13 -0.27
N THR D 106 -4.02 -18.86 -0.05
CA THR D 106 -3.70 -18.20 1.21
C THR D 106 -4.90 -18.15 2.14
N SER E 14 -29.30 13.28 7.19
CA SER E 14 -28.39 13.49 8.30
C SER E 14 -27.76 14.88 8.26
N ILE E 15 -26.51 14.96 8.69
CA ILE E 15 -25.75 16.20 8.63
C ILE E 15 -25.07 16.30 7.28
N ALA E 16 -25.14 17.47 6.66
CA ALA E 16 -24.58 17.65 5.32
C ALA E 16 -23.10 17.35 5.30
N VAL E 17 -22.60 16.94 4.13
CA VAL E 17 -21.20 16.58 3.94
C VAL E 17 -20.63 17.44 2.81
N GLY E 18 -19.39 17.85 2.97
CA GLY E 18 -18.69 18.62 1.95
C GLY E 18 -17.38 17.97 1.60
N MET E 19 -17.07 17.94 0.31
CA MET E 19 -15.87 17.28 -0.19
C MET E 19 -15.23 18.16 -1.27
N ILE E 20 -13.90 18.23 -1.24
CA ILE E 20 -13.12 18.91 -2.26
C ILE E 20 -11.94 18.00 -2.61
N GLU E 21 -11.94 17.47 -3.82
CA GLU E 21 -10.85 16.61 -4.29
C GLU E 21 -9.92 17.41 -5.19
N THR E 22 -8.63 17.40 -4.84
CA THR E 22 -7.62 18.14 -5.57
C THR E 22 -6.60 17.18 -6.17
N LEU E 23 -5.77 17.72 -7.06
CA LEU E 23 -4.65 16.99 -7.65
C LEU E 23 -3.37 17.54 -7.02
N GLY E 24 -2.92 16.87 -5.97
CA GLY E 24 -1.76 17.32 -5.22
C GLY E 24 -2.10 17.46 -3.75
N PHE E 25 -1.12 17.17 -2.90
CA PHE E 25 -1.32 17.21 -1.46
C PHE E 25 -1.30 18.63 -0.89
N PRO E 26 -0.36 19.50 -1.28
CA PRO E 26 -0.37 20.86 -0.69
C PRO E 26 -1.66 21.61 -0.91
N ALA E 27 -2.28 21.46 -2.08
CA ALA E 27 -3.52 22.17 -2.36
C ALA E 27 -4.67 21.64 -1.52
N VAL E 28 -4.64 20.37 -1.14
CA VAL E 28 -5.72 19.81 -0.34
C VAL E 28 -5.62 20.23 1.12
N VAL E 29 -4.45 20.70 1.56
CA VAL E 29 -4.32 21.19 2.93
C VAL E 29 -4.85 22.62 3.04
N GLU E 30 -4.52 23.47 2.07
CA GLU E 30 -5.07 24.82 2.04
C GLU E 30 -6.58 24.79 1.88
N ALA E 31 -7.08 23.83 1.11
CA ALA E 31 -8.54 23.65 1.01
C ALA E 31 -9.13 23.28 2.35
N ALA E 32 -8.52 22.31 3.05
CA ALA E 32 -9.03 21.89 4.35
C ALA E 32 -8.86 22.99 5.41
N ASP E 33 -7.79 23.77 5.33
CA ASP E 33 -7.59 24.86 6.28
C ASP E 33 -8.63 25.96 6.08
N SER E 34 -9.00 26.23 4.83
CA SER E 34 -9.94 27.31 4.53
C SER E 34 -11.39 26.91 4.78
N MET E 35 -11.70 25.61 4.75
CA MET E 35 -13.08 25.18 4.96
C MET E 35 -13.49 25.36 6.42
N VAL E 36 -12.64 24.93 7.35
CA VAL E 36 -12.98 25.03 8.77
C VAL E 36 -12.84 26.44 9.31
N LYS E 37 -12.05 27.30 8.65
CA LYS E 37 -11.88 28.67 9.13
C LYS E 37 -12.99 29.61 8.65
N ALA E 38 -13.68 29.26 7.57
CA ALA E 38 -14.65 30.15 6.96
C ALA E 38 -16.09 29.83 7.34
N ALA E 39 -16.33 28.75 8.06
CA ALA E 39 -17.69 28.34 8.42
C ALA E 39 -17.63 27.45 9.64
N ARG E 40 -18.81 27.06 10.14
CA ARG E 40 -18.92 26.21 11.31
C ARG E 40 -19.02 24.75 10.90
N VAL E 41 -17.95 24.25 10.28
CA VAL E 41 -17.87 22.87 9.83
C VAL E 41 -16.73 22.18 10.55
N THR E 42 -16.66 20.86 10.38
CA THR E 42 -15.66 20.03 11.05
C THR E 42 -14.99 19.13 10.01
N LEU E 43 -13.68 19.31 9.84
CA LEU E 43 -12.90 18.40 9.00
C LEU E 43 -12.88 17.02 9.64
N VAL E 44 -13.54 16.04 9.01
CA VAL E 44 -13.70 14.73 9.61
C VAL E 44 -12.81 13.66 8.97
N GLY E 45 -12.30 13.89 7.77
CA GLY E 45 -11.55 12.83 7.10
C GLY E 45 -10.66 13.35 5.99
N TYR E 46 -9.66 12.54 5.67
CA TYR E 46 -8.74 12.79 4.58
C TYR E 46 -8.56 11.49 3.82
N GLU E 47 -8.99 11.48 2.55
CA GLU E 47 -9.05 10.27 1.76
C GLU E 47 -8.18 10.41 0.51
N LYS E 48 -7.29 9.46 0.31
CA LYS E 48 -6.47 9.37 -0.90
C LYS E 48 -6.80 8.07 -1.61
N ILE E 49 -7.02 8.15 -2.93
CA ILE E 49 -7.48 7.03 -3.72
C ILE E 49 -6.51 6.65 -4.84
N GLY E 50 -5.40 7.36 -4.98
CA GLY E 50 -4.44 7.09 -6.02
C GLY E 50 -4.47 8.12 -7.13
N SER E 51 -3.45 8.02 -7.99
CA SER E 51 -3.27 8.94 -9.12
C SER E 51 -3.18 10.40 -8.67
N GLY E 52 -2.67 10.63 -7.46
CA GLY E 52 -2.56 11.97 -6.93
C GLY E 52 -3.86 12.62 -6.53
N ARG E 53 -4.94 11.86 -6.43
CA ARG E 53 -6.25 12.40 -6.08
C ARG E 53 -6.46 12.28 -4.58
N VAL E 54 -6.51 13.41 -3.89
CA VAL E 54 -6.76 13.45 -2.45
C VAL E 54 -8.00 14.29 -2.19
N THR E 55 -8.75 13.89 -1.16
CA THR E 55 -10.02 14.54 -0.83
C THR E 55 -10.08 14.83 0.66
N VAL E 56 -10.54 16.03 1.00
CA VAL E 56 -10.81 16.41 2.38
C VAL E 56 -12.33 16.47 2.56
N ILE E 57 -12.80 16.01 3.73
CA ILE E 57 -14.21 15.81 3.98
C ILE E 57 -14.61 16.61 5.21
N VAL E 58 -15.65 17.43 5.09
CA VAL E 58 -16.17 18.23 6.19
C VAL E 58 -17.65 17.90 6.38
N ARG E 59 -18.13 18.17 7.59
CA ARG E 59 -19.53 18.01 7.95
C ARG E 59 -20.03 19.29 8.61
N GLY E 60 -21.34 19.48 8.56
CA GLY E 60 -21.95 20.63 9.19
C GLY E 60 -23.27 20.96 8.52
N ASP E 61 -23.79 22.14 8.87
CA ASP E 61 -25.04 22.61 8.30
C ASP E 61 -24.88 22.84 6.80
N VAL E 62 -26.01 22.85 6.09
CA VAL E 62 -26.00 22.97 4.63
C VAL E 62 -25.37 24.29 4.22
N SER E 63 -25.76 25.38 4.88
CA SER E 63 -25.19 26.69 4.55
C SER E 63 -23.72 26.75 4.93
N GLU E 64 -23.35 26.18 6.08
CA GLU E 64 -21.96 26.20 6.51
C GLU E 64 -21.09 25.34 5.61
N VAL E 65 -21.60 24.18 5.18
CA VAL E 65 -20.84 23.33 4.27
C VAL E 65 -20.69 24.00 2.91
N GLN E 66 -21.75 24.64 2.43
CA GLN E 66 -21.68 25.34 1.14
C GLN E 66 -20.70 26.51 1.21
N ALA E 67 -20.61 27.18 2.36
CA ALA E 67 -19.64 28.26 2.51
C ALA E 67 -18.21 27.70 2.56
N SER E 68 -18.05 26.47 3.04
CA SER E 68 -16.71 25.89 3.14
C SER E 68 -16.17 25.54 1.75
N VAL E 69 -16.98 24.89 0.92
CA VAL E 69 -16.52 24.48 -0.41
C VAL E 69 -16.20 25.70 -1.26
N THR E 70 -17.00 26.77 -1.12
CA THR E 70 -16.71 27.99 -1.86
C THR E 70 -15.40 28.61 -1.41
N ALA E 71 -15.15 28.65 -0.10
CA ALA E 71 -13.91 29.24 0.40
C ALA E 71 -12.71 28.34 0.09
N GLY E 72 -12.91 27.02 0.16
CA GLY E 72 -11.80 26.12 -0.11
C GLY E 72 -11.35 26.16 -1.55
N ILE E 73 -12.29 26.28 -2.48
CA ILE E 73 -11.96 26.29 -3.90
C ILE E 73 -11.26 27.60 -4.27
N GLU E 74 -11.75 28.73 -3.76
CA GLU E 74 -11.16 30.02 -4.13
C GLU E 74 -9.79 30.21 -3.49
N ASN E 75 -9.54 29.57 -2.35
CA ASN E 75 -8.23 29.66 -1.72
C ASN E 75 -7.19 28.81 -2.43
N ILE E 76 -7.61 27.79 -3.18
CA ILE E 76 -6.67 26.97 -3.93
C ILE E 76 -6.06 27.77 -5.06
N ARG E 77 -6.75 28.80 -5.55
CA ARG E 77 -6.20 29.66 -6.60
C ARG E 77 -4.91 30.33 -6.14
N ARG E 78 -4.74 30.55 -4.84
CA ARG E 78 -3.54 31.15 -4.30
C ARG E 78 -2.45 30.13 -3.99
N VAL E 79 -2.69 28.85 -4.26
CA VAL E 79 -1.67 27.82 -4.11
C VAL E 79 -0.90 27.69 -5.41
N ASN E 80 0.42 27.82 -5.33
CA ASN E 80 1.27 27.70 -6.51
C ASN E 80 1.27 26.24 -6.96
N GLY E 81 0.45 25.95 -7.97
CA GLY E 81 0.32 24.60 -8.47
C GLY E 81 -0.91 23.84 -8.02
N GLY E 82 -1.89 24.53 -7.45
CA GLY E 82 -3.09 23.86 -6.98
C GLY E 82 -4.08 23.63 -8.12
N GLU E 83 -4.70 22.45 -8.11
CA GLU E 83 -5.66 22.07 -9.14
C GLU E 83 -6.79 21.30 -8.49
N VAL E 84 -8.01 21.79 -8.66
CA VAL E 84 -9.20 21.12 -8.14
C VAL E 84 -9.68 20.12 -9.19
N LEU E 85 -9.88 18.87 -8.75
CA LEU E 85 -10.42 17.84 -9.62
C LEU E 85 -11.92 17.66 -9.48
N SER E 86 -12.43 17.66 -8.24
CA SER E 86 -13.85 17.45 -8.01
C SER E 86 -14.24 18.10 -6.69
N ASN E 87 -15.51 18.49 -6.59
CA ASN E 87 -16.08 19.00 -5.36
C ASN E 87 -17.56 18.68 -5.35
N HIS E 88 -18.10 18.37 -4.17
CA HIS E 88 -19.48 17.92 -4.09
C HIS E 88 -20.00 18.13 -2.68
N ILE E 89 -21.32 18.32 -2.58
CA ILE E 89 -22.01 18.50 -1.30
C ILE E 89 -23.30 17.70 -1.35
N ILE E 90 -23.58 16.99 -0.27
CA ILE E 90 -24.85 16.28 -0.08
C ILE E 90 -25.52 16.86 1.15
N ALA E 91 -26.69 17.48 0.96
CA ALA E 91 -27.36 18.18 2.05
C ALA E 91 -27.82 17.21 3.13
N ARG E 92 -28.38 16.06 2.74
CA ARG E 92 -28.82 15.04 3.70
C ARG E 92 -28.39 13.68 3.20
N PRO E 93 -27.18 13.24 3.58
CA PRO E 93 -26.74 11.91 3.18
C PRO E 93 -27.51 10.82 3.93
N HIS E 94 -27.69 9.69 3.26
CA HIS E 94 -28.41 8.58 3.86
C HIS E 94 -27.66 8.04 5.07
N GLU E 95 -28.41 7.48 6.02
CA GLU E 95 -27.80 6.95 7.23
C GLU E 95 -26.91 5.74 6.96
N ASN E 96 -27.11 5.08 5.81
CA ASN E 96 -26.26 3.95 5.45
C ASN E 96 -24.82 4.38 5.20
N LEU E 97 -24.62 5.58 4.66
CA LEU E 97 -23.28 6.04 4.31
C LEU E 97 -22.43 6.35 5.53
N GLU E 98 -23.04 6.62 6.68
CA GLU E 98 -22.26 6.94 7.87
C GLU E 98 -21.43 5.76 8.35
N TYR E 99 -21.90 4.54 8.10
CA TYR E 99 -21.24 3.34 8.59
C TYR E 99 -20.42 2.63 7.51
N VAL E 100 -20.43 3.11 6.27
CA VAL E 100 -19.69 2.50 5.18
C VAL E 100 -18.67 3.46 4.58
N LEU E 101 -19.06 4.72 4.37
CA LEU E 101 -18.08 5.64 3.79
C LEU E 101 -17.36 6.42 4.87
N PRO E 102 -16.06 6.70 4.69
CA PRO E 102 -15.27 7.41 5.72
C PRO E 102 -15.59 8.90 5.77
N ILE E 103 -16.83 9.21 6.14
CA ILE E 103 -17.27 10.58 6.37
C ILE E 103 -17.71 10.79 7.81
N ARG E 104 -17.54 9.80 8.68
CA ARG E 104 -18.03 9.86 10.04
C ARG E 104 -17.03 10.57 10.96
N TYR E 105 -17.57 11.28 11.95
CA TYR E 105 -16.75 11.95 12.96
C TYR E 105 -15.80 10.97 13.64
N THR E 106 -16.35 10.01 14.37
CA THR E 106 -15.54 9.01 15.06
C THR E 106 -15.21 7.84 14.14
N SER F 14 32.60 15.46 2.48
CA SER F 14 33.28 14.34 1.84
C SER F 14 32.32 13.18 1.59
N ILE F 15 31.46 12.90 2.56
CA ILE F 15 30.51 11.81 2.47
C ILE F 15 29.23 12.32 1.83
N ALA F 16 28.65 11.51 0.94
CA ALA F 16 27.47 11.91 0.19
C ALA F 16 26.64 10.69 -0.14
N VAL F 17 25.48 10.96 -0.73
CA VAL F 17 24.55 9.94 -1.20
C VAL F 17 24.09 10.33 -2.60
N GLY F 18 24.21 9.40 -3.54
CA GLY F 18 23.74 9.58 -4.90
C GLY F 18 22.55 8.67 -5.17
N MET F 19 21.58 9.17 -5.94
CA MET F 19 20.34 8.46 -6.18
C MET F 19 20.06 8.43 -7.67
N ILE F 20 19.54 7.30 -8.15
CA ILE F 20 19.13 7.16 -9.54
C ILE F 20 17.74 6.53 -9.55
N GLU F 21 16.77 7.25 -10.08
CA GLU F 21 15.41 6.75 -10.21
C GLU F 21 15.16 6.36 -11.66
N THR F 22 14.63 5.16 -11.86
CA THR F 22 14.39 4.62 -13.19
C THR F 22 12.94 4.16 -13.31
N LEU F 23 12.44 4.17 -14.54
CA LEU F 23 11.15 3.57 -14.86
C LEU F 23 11.39 2.13 -15.25
N GLY F 24 11.16 1.21 -14.31
CA GLY F 24 11.40 -0.20 -14.54
C GLY F 24 12.36 -0.80 -13.54
N PHE F 25 12.06 -2.01 -13.07
CA PHE F 25 12.89 -2.67 -12.07
C PHE F 25 14.17 -3.26 -12.65
N PRO F 26 14.14 -3.92 -13.82
CA PRO F 26 15.40 -4.39 -14.40
C PRO F 26 16.41 -3.27 -14.64
N ALA F 27 15.95 -2.07 -14.95
CA ALA F 27 16.86 -0.95 -15.14
C ALA F 27 17.47 -0.50 -13.82
N VAL F 28 16.74 -0.63 -12.72
CA VAL F 28 17.25 -0.18 -11.42
C VAL F 28 18.23 -1.19 -10.82
N VAL F 29 18.22 -2.44 -11.28
CA VAL F 29 19.15 -3.43 -10.77
C VAL F 29 20.49 -3.33 -11.48
N GLU F 30 20.47 -3.12 -12.80
CA GLU F 30 21.71 -2.88 -13.53
C GLU F 30 22.38 -1.59 -13.06
N ALA F 31 21.58 -0.58 -12.69
CA ALA F 31 22.15 0.66 -12.18
C ALA F 31 22.88 0.42 -10.87
N ALA F 32 22.20 -0.19 -9.90
CA ALA F 32 22.83 -0.44 -8.60
C ALA F 32 24.07 -1.31 -8.72
N ASP F 33 24.07 -2.25 -9.69
CA ASP F 33 25.23 -3.11 -9.87
C ASP F 33 26.42 -2.34 -10.44
N SER F 34 26.17 -1.46 -11.42
CA SER F 34 27.27 -0.70 -12.01
C SER F 34 27.76 0.39 -11.07
N MET F 35 26.92 0.86 -10.16
CA MET F 35 27.32 1.93 -9.26
C MET F 35 28.37 1.45 -8.26
N VAL F 36 28.27 0.20 -7.81
CA VAL F 36 29.24 -0.33 -6.87
C VAL F 36 30.48 -0.90 -7.58
N LYS F 37 30.33 -1.37 -8.81
CA LYS F 37 31.47 -1.85 -9.57
C LYS F 37 32.36 -0.71 -10.06
N ALA F 38 31.83 0.50 -10.18
CA ALA F 38 32.56 1.61 -10.79
C ALA F 38 33.03 2.64 -9.79
N ALA F 39 32.88 2.40 -8.49
CA ALA F 39 33.31 3.35 -7.48
C ALA F 39 33.47 2.62 -6.15
N ARG F 40 33.98 3.34 -5.15
CA ARG F 40 34.11 2.78 -3.82
C ARG F 40 32.98 3.27 -2.90
N VAL F 41 31.76 2.86 -3.20
CA VAL F 41 30.58 3.24 -2.41
C VAL F 41 29.91 1.97 -1.89
N THR F 42 28.82 2.14 -1.13
CA THR F 42 28.04 1.02 -0.67
C THR F 42 26.58 1.25 -1.01
N LEU F 43 25.92 0.21 -1.53
CA LEU F 43 24.50 0.29 -1.87
C LEU F 43 23.69 0.27 -0.59
N VAL F 44 23.19 1.43 -0.16
CA VAL F 44 22.47 1.54 1.10
C VAL F 44 21.03 1.05 1.00
N GLY F 45 20.53 0.83 -0.21
CA GLY F 45 19.18 0.32 -0.36
C GLY F 45 18.45 0.91 -1.56
N TYR F 46 17.23 0.44 -1.79
CA TYR F 46 16.37 0.96 -2.85
C TYR F 46 14.98 1.19 -2.31
N GLU F 47 14.23 2.07 -2.97
CA GLU F 47 12.92 2.46 -2.49
C GLU F 47 11.95 2.59 -3.66
N LYS F 48 10.70 2.22 -3.42
CA LYS F 48 9.64 2.34 -4.41
C LYS F 48 8.61 3.37 -3.96
N ILE F 49 8.19 4.22 -4.89
CA ILE F 49 7.12 5.18 -4.63
C ILE F 49 5.90 4.91 -5.50
N GLY F 50 5.88 3.79 -6.22
CA GLY F 50 4.78 3.47 -7.10
C GLY F 50 4.96 4.01 -8.50
N SER F 51 4.00 3.68 -9.36
CA SER F 51 3.96 4.14 -10.74
C SER F 51 5.20 3.73 -11.52
N GLY F 52 5.83 2.62 -11.14
CA GLY F 52 7.01 2.15 -11.84
C GLY F 52 8.27 2.94 -11.57
N ARG F 53 8.30 3.73 -10.50
CA ARG F 53 9.45 4.55 -10.15
C ARG F 53 10.21 3.87 -9.01
N VAL F 54 11.46 3.47 -9.27
CA VAL F 54 12.30 2.83 -8.28
C VAL F 54 13.63 3.58 -8.22
N THR F 55 14.10 3.87 -7.02
CA THR F 55 15.32 4.64 -6.79
C THR F 55 16.32 3.79 -6.02
N VAL F 56 17.57 3.76 -6.48
CA VAL F 56 18.68 3.12 -5.76
C VAL F 56 19.55 4.22 -5.17
N ILE F 57 20.06 3.97 -3.97
CA ILE F 57 20.85 4.95 -3.22
C ILE F 57 22.16 4.29 -2.79
N VAL F 58 23.28 4.97 -3.02
CA VAL F 58 24.57 4.49 -2.51
C VAL F 58 25.13 5.52 -1.53
N ARG F 59 26.35 5.33 -1.03
CA ARG F 59 26.89 6.28 -0.07
C ARG F 59 28.40 6.11 -0.02
N GLY F 60 29.11 7.21 0.13
CA GLY F 60 30.56 7.15 0.20
C GLY F 60 31.17 8.51 -0.06
N ASP F 61 32.43 8.48 -0.50
CA ASP F 61 33.14 9.71 -0.83
C ASP F 61 32.43 10.43 -1.96
N VAL F 62 32.33 11.77 -1.83
CA VAL F 62 31.57 12.56 -2.80
C VAL F 62 32.13 12.40 -4.20
N SER F 63 33.45 12.25 -4.33
CA SER F 63 34.02 12.01 -5.65
C SER F 63 33.77 10.58 -6.11
N GLU F 64 33.74 9.62 -5.17
CA GLU F 64 33.35 8.26 -5.53
C GLU F 64 31.88 8.20 -5.93
N VAL F 65 31.01 8.86 -5.17
CA VAL F 65 29.59 8.85 -5.48
C VAL F 65 29.33 9.50 -6.84
N GLN F 66 30.00 10.62 -7.13
CA GLN F 66 29.84 11.26 -8.42
C GLN F 66 30.32 10.36 -9.55
N ALA F 67 31.37 9.56 -9.29
CA ALA F 67 31.78 8.56 -10.27
C ALA F 67 30.83 7.36 -10.27
N SER F 68 30.16 7.12 -9.15
CA SER F 68 29.22 6.00 -9.07
C SER F 68 27.92 6.29 -9.80
N VAL F 69 27.39 7.50 -9.63
CA VAL F 69 26.12 7.86 -10.26
C VAL F 69 26.28 8.01 -11.77
N THR F 70 27.42 8.56 -12.20
CA THR F 70 27.65 8.77 -13.63
C THR F 70 27.66 7.44 -14.38
N ALA F 71 28.36 6.43 -13.85
CA ALA F 71 28.35 5.12 -14.47
C ALA F 71 26.98 4.47 -14.42
N GLY F 72 26.20 4.77 -13.38
CA GLY F 72 24.86 4.22 -13.29
C GLY F 72 23.95 4.74 -14.40
N ILE F 73 24.00 6.05 -14.65
CA ILE F 73 23.17 6.62 -15.72
C ILE F 73 23.59 6.06 -17.07
N GLU F 74 24.89 5.91 -17.30
CA GLU F 74 25.37 5.46 -18.61
C GLU F 74 25.04 4.00 -18.85
N ASN F 75 25.10 3.16 -17.80
CA ASN F 75 24.85 1.74 -17.98
C ASN F 75 23.38 1.44 -18.26
N ILE F 76 22.48 2.32 -17.81
CA ILE F 76 21.05 2.08 -18.04
C ILE F 76 20.71 2.20 -19.52
N ARG F 77 21.46 3.01 -20.26
CA ARG F 77 21.21 3.15 -21.70
C ARG F 77 21.39 1.81 -22.42
N ARG F 78 22.24 0.93 -21.89
CA ARG F 78 22.47 -0.38 -22.48
C ARG F 78 21.41 -1.40 -22.09
N VAL F 79 20.44 -1.03 -21.28
CA VAL F 79 19.41 -1.95 -20.81
C VAL F 79 18.25 -1.94 -21.81
N ASN F 80 17.85 -3.13 -22.25
CA ASN F 80 16.74 -3.28 -23.20
C ASN F 80 15.42 -2.98 -22.48
N GLY F 81 14.89 -1.78 -22.69
CA GLY F 81 13.66 -1.35 -22.06
C GLY F 81 13.83 -0.49 -20.83
N GLY F 82 15.06 -0.12 -20.49
CA GLY F 82 15.31 0.71 -19.32
C GLY F 82 15.29 2.19 -19.65
N GLU F 83 14.84 2.98 -18.68
CA GLU F 83 14.73 4.42 -18.82
C GLU F 83 15.02 5.10 -17.50
N VAL F 84 15.81 6.16 -17.53
CA VAL F 84 16.14 6.94 -16.35
C VAL F 84 15.08 8.03 -16.18
N LEU F 85 14.62 8.21 -14.93
CA LEU F 85 13.65 9.24 -14.60
C LEU F 85 14.30 10.48 -13.97
N SER F 86 15.06 10.28 -12.90
CA SER F 86 15.73 11.39 -12.23
C SER F 86 16.93 10.87 -11.48
N ASN F 87 17.88 11.75 -11.21
CA ASN F 87 19.08 11.42 -10.48
C ASN F 87 19.61 12.66 -9.78
N HIS F 88 20.17 12.46 -8.59
CA HIS F 88 20.72 13.57 -7.81
C HIS F 88 21.75 13.03 -6.83
N ILE F 89 22.61 13.93 -6.38
CA ILE F 89 23.67 13.61 -5.42
C ILE F 89 23.60 14.65 -4.30
N ILE F 90 23.42 14.18 -3.06
CA ILE F 90 23.23 15.05 -1.90
C ILE F 90 24.43 14.90 -0.97
N ALA F 91 24.95 16.03 -0.50
CA ALA F 91 26.04 16.01 0.47
C ALA F 91 25.49 15.79 1.87
N ARG F 92 26.16 14.93 2.62
CA ARG F 92 25.71 14.59 3.96
C ARG F 92 26.77 14.94 5.00
N PRO F 93 26.35 15.20 6.24
CA PRO F 93 27.33 15.46 7.30
C PRO F 93 28.12 14.21 7.65
N HIS F 94 29.24 14.42 8.33
CA HIS F 94 30.10 13.32 8.72
C HIS F 94 29.45 12.48 9.82
N GLU F 95 29.80 11.20 9.85
CA GLU F 95 29.35 10.29 10.89
C GLU F 95 30.30 9.11 10.94
N ASN F 96 30.32 8.45 12.11
CA ASN F 96 31.20 7.30 12.32
C ASN F 96 30.52 6.06 11.76
N LEU F 97 30.90 5.67 10.55
CA LEU F 97 30.28 4.53 9.89
C LEU F 97 30.78 3.22 10.48
N GLU F 98 29.94 2.19 10.38
CA GLU F 98 30.25 0.86 10.87
C GLU F 98 30.14 -0.15 9.74
N TYR F 99 30.95 -1.21 9.83
CA TYR F 99 30.96 -2.26 8.81
C TYR F 99 31.08 -3.61 9.52
N VAL F 100 29.93 -4.25 9.76
CA VAL F 100 29.90 -5.56 10.38
C VAL F 100 30.10 -6.61 9.30
N LEU F 101 31.22 -7.36 9.39
CA LEU F 101 31.52 -8.38 8.39
C LEU F 101 30.96 -9.74 8.80
N PRO F 102 30.65 -10.60 7.84
CA PRO F 102 30.25 -11.96 8.17
C PRO F 102 31.39 -12.72 8.85
N ILE F 103 31.01 -13.73 9.63
CA ILE F 103 31.99 -14.52 10.37
C ILE F 103 32.90 -15.35 9.48
N ARG F 104 32.60 -15.43 8.18
CA ARG F 104 33.48 -16.15 7.26
C ARG F 104 34.72 -15.34 6.90
N TYR F 105 34.75 -14.04 7.20
CA TYR F 105 35.89 -13.19 6.93
C TYR F 105 36.73 -12.94 8.18
N THR F 106 36.57 -13.78 9.22
CA THR F 106 37.41 -13.66 10.40
C THR F 106 38.89 -13.84 10.06
N GLU F 107 39.19 -14.75 9.13
CA GLU F 107 40.57 -14.96 8.71
C GLU F 107 41.15 -13.73 8.03
N ALA F 108 40.30 -12.84 7.51
CA ALA F 108 40.81 -11.62 6.87
C ALA F 108 41.02 -10.51 7.90
N VAL F 109 40.16 -10.44 8.92
CA VAL F 109 40.28 -9.40 9.93
C VAL F 109 41.51 -9.64 10.81
N GLU F 110 41.79 -10.91 11.13
CA GLU F 110 42.92 -11.22 12.00
C GLU F 110 44.24 -11.22 11.23
N GLN F 111 44.20 -11.52 9.93
CA GLN F 111 45.43 -11.44 9.14
C GLN F 111 45.84 -10.00 8.91
N PHE F 112 44.87 -9.11 8.68
CA PHE F 112 45.18 -7.70 8.50
C PHE F 112 45.66 -7.06 9.80
N ARG F 113 45.14 -7.51 10.94
CA ARG F 113 45.53 -6.96 12.24
C ARG F 113 46.97 -7.30 12.61
N GLU F 114 47.58 -8.27 11.94
CA GLU F 114 48.98 -8.61 12.21
C GLU F 114 49.95 -7.83 11.33
N ILE F 115 49.55 -7.49 10.11
CA ILE F 115 50.44 -6.78 9.19
C ILE F 115 50.56 -5.30 9.54
N VAL F 116 49.60 -4.75 10.29
CA VAL F 116 49.64 -3.32 10.61
C VAL F 116 50.87 -3.00 11.46
N ASN F 117 51.30 -1.74 11.38
CA ASN F 117 52.43 -1.27 12.17
C ASN F 117 51.93 -0.71 13.50
N PRO F 118 52.42 -1.22 14.64
CA PRO F 118 51.94 -0.69 15.92
C PRO F 118 52.39 0.74 16.18
N SER F 119 53.50 1.17 15.60
CA SER F 119 54.04 2.50 15.83
C SER F 119 53.58 3.46 14.74
N ILE F 120 52.97 4.57 15.13
CA ILE F 120 52.56 5.60 14.17
C ILE F 120 53.67 6.58 13.87
N ILE F 121 54.78 6.53 14.60
CA ILE F 121 55.92 7.42 14.35
C ILE F 121 56.79 6.82 13.26
N ARG F 122 57.14 7.64 12.27
CA ARG F 122 57.97 7.16 11.17
C ARG F 122 59.42 7.02 11.64
N ARG F 123 59.93 5.80 11.55
CA ARG F 123 61.30 5.52 11.99
C ARG F 123 62.31 5.99 10.94
N PRO G 1 -26.07 -17.70 20.54
CA PRO G 1 -26.58 -16.67 19.63
C PRO G 1 -27.78 -17.13 18.82
N TRP G 2 -28.89 -16.39 18.92
CA TRP G 2 -30.10 -16.75 18.18
C TRP G 2 -29.89 -16.64 16.67
N ARG G 3 -29.02 -15.73 16.24
CA ARG G 3 -28.79 -15.55 14.81
C ARG G 3 -28.20 -16.81 14.18
N TYR G 4 -27.31 -17.50 14.91
CA TYR G 4 -26.72 -18.71 14.36
C TYR G 4 -27.69 -19.89 14.43
N ARG G 5 -28.38 -20.05 15.55
CA ARG G 5 -29.32 -21.16 15.68
C ARG G 5 -30.58 -20.97 14.85
N LEU G 6 -30.82 -19.76 14.34
CA LEU G 6 -31.86 -19.57 13.34
C LEU G 6 -31.39 -20.00 11.96
N ASP G 7 -30.09 -19.86 11.68
CA ASP G 7 -29.57 -20.35 10.40
C ASP G 7 -29.62 -21.87 10.33
N GLN G 8 -29.35 -22.55 11.45
CA GLN G 8 -29.48 -24.01 11.48
C GLN G 8 -30.93 -24.42 11.36
N PHE G 9 -31.82 -23.75 12.10
CA PHE G 9 -33.25 -24.04 12.01
C PHE G 9 -33.78 -23.79 10.60
N THR G 10 -33.15 -22.89 9.85
CA THR G 10 -33.56 -22.64 8.48
C THR G 10 -33.13 -23.75 7.54
N LYS G 11 -31.89 -24.23 7.68
CA LYS G 11 -31.38 -25.26 6.78
C LYS G 11 -31.78 -26.67 7.21
N GLU G 12 -32.01 -26.88 8.51
CA GLU G 12 -32.46 -28.19 8.95
C GLU G 12 -33.95 -28.40 8.66
N GLU G 13 -34.76 -27.38 8.92
CA GLU G 13 -36.21 -27.45 8.69
C GLU G 13 -36.59 -26.72 7.40
N GLN G 14 -35.84 -26.97 6.33
CA GLN G 14 -36.11 -26.27 5.07
C GLN G 14 -37.43 -26.73 4.45
N THR G 15 -37.73 -28.03 4.51
CA THR G 15 -38.97 -28.52 3.95
C THR G 15 -40.16 -28.13 4.82
N ALA G 16 -39.99 -28.18 6.15
CA ALA G 16 -41.10 -27.84 7.04
C ALA G 16 -41.42 -26.35 6.98
N LEU G 17 -40.40 -25.50 6.83
CA LEU G 17 -40.65 -24.07 6.71
C LEU G 17 -41.26 -23.74 5.36
N GLY G 18 -40.82 -24.40 4.29
CA GLY G 18 -41.40 -24.18 2.98
C GLY G 18 -42.86 -24.59 2.90
N ALA G 19 -43.24 -25.63 3.66
CA ALA G 19 -44.65 -26.03 3.69
C ALA G 19 -45.50 -24.99 4.41
N LEU G 20 -45.00 -24.43 5.51
CA LEU G 20 -45.73 -23.39 6.22
C LEU G 20 -45.81 -22.11 5.41
N ALA G 21 -44.77 -21.81 4.62
CA ALA G 21 -44.79 -20.62 3.79
C ALA G 21 -45.86 -20.72 2.71
N TRP G 22 -45.99 -21.89 2.09
CA TRP G 22 -47.02 -22.06 1.07
C TRP G 22 -48.41 -22.07 1.68
N ALA G 23 -48.58 -22.74 2.83
CA ALA G 23 -49.86 -22.71 3.52
C ALA G 23 -50.25 -21.30 3.92
N PHE G 24 -49.26 -20.46 4.26
CA PHE G 24 -49.55 -19.06 4.53
C PHE G 24 -49.91 -18.32 3.25
N TYR G 25 -49.24 -18.64 2.14
CA TYR G 25 -49.52 -17.97 0.87
C TYR G 25 -50.90 -18.35 0.34
N GLN G 26 -51.41 -19.53 0.72
CA GLN G 26 -52.74 -19.93 0.28
C GLN G 26 -53.81 -19.06 0.91
N GLN G 27 -53.76 -18.88 2.23
CA GLN G 27 -54.72 -18.04 2.92
C GLN G 27 -54.53 -16.55 2.62
N TRP G 28 -53.42 -16.17 1.99
CA TRP G 28 -53.17 -14.80 1.56
C TRP G 28 -52.74 -14.84 0.10
N PRO G 29 -53.68 -15.00 -0.82
CA PRO G 29 -53.30 -15.21 -2.23
C PRO G 29 -52.62 -13.99 -2.84
N ALA G 30 -53.12 -12.79 -2.58
CA ALA G 30 -52.52 -11.58 -3.12
C ALA G 30 -51.30 -11.12 -2.33
N LYS G 31 -50.77 -11.96 -1.45
CA LYS G 31 -49.62 -11.62 -0.61
C LYS G 31 -49.89 -10.35 0.21
N GLU G 32 -51.13 -10.23 0.69
CA GLU G 32 -51.51 -9.10 1.53
C GLU G 32 -50.89 -9.16 2.92
N GLN G 33 -50.23 -10.27 3.26
CA GLN G 33 -49.60 -10.45 4.55
C GLN G 33 -48.27 -11.15 4.37
N TYR G 34 -47.34 -10.91 5.29
CA TYR G 34 -46.01 -11.50 5.27
C TYR G 34 -45.83 -12.37 6.50
N LEU G 35 -45.33 -13.58 6.32
CA LEU G 35 -45.13 -14.50 7.44
C LEU G 35 -44.00 -14.00 8.32
N GLY G 36 -44.28 -13.81 9.60
CA GLY G 36 -43.31 -13.34 10.56
C GLY G 36 -42.92 -14.39 11.58
N LEU G 37 -42.10 -13.95 12.53
CA LEU G 37 -41.62 -14.82 13.59
C LEU G 37 -41.10 -13.95 14.73
N ASP G 38 -41.83 -13.90 15.83
CA ASP G 38 -41.44 -13.11 16.99
C ASP G 38 -40.81 -14.03 18.03
N LEU G 39 -39.62 -13.65 18.50
CA LEU G 39 -38.89 -14.44 19.47
C LEU G 39 -39.24 -14.09 20.92
N HIS G 40 -40.02 -13.04 21.15
CA HIS G 40 -40.42 -12.64 22.48
C HIS G 40 -41.93 -12.77 22.65
N PRO G 41 -42.42 -13.34 23.75
CA PRO G 41 -41.67 -13.93 24.88
C PRO G 41 -40.99 -15.22 24.47
N GLN G 42 -41.66 -16.02 23.65
CA GLN G 42 -41.12 -17.23 23.07
C GLN G 42 -41.33 -17.21 21.57
N ALA G 43 -40.56 -18.04 20.86
CA ALA G 43 -40.61 -18.05 19.41
C ALA G 43 -41.98 -18.47 18.92
N HIS G 44 -42.63 -17.60 18.16
CA HIS G 44 -43.95 -17.87 17.62
C HIS G 44 -44.12 -17.11 16.30
N PHE G 45 -44.86 -17.71 15.38
CA PHE G 45 -45.08 -17.11 14.07
C PHE G 45 -46.15 -16.04 14.14
N ILE G 46 -45.91 -14.93 13.44
CA ILE G 46 -46.86 -13.83 13.35
C ILE G 46 -47.05 -13.46 11.88
N SER G 47 -47.73 -12.34 11.63
CA SER G 47 -47.93 -11.86 10.28
C SER G 47 -48.26 -10.38 10.32
N CYS G 48 -47.95 -9.68 9.23
CA CYS G 48 -48.22 -8.25 9.14
C CYS G 48 -48.46 -7.87 7.68
N ALA G 49 -49.13 -6.74 7.50
CA ALA G 49 -49.40 -6.20 6.17
C ALA G 49 -48.19 -5.43 5.65
N PRO G 50 -48.08 -5.27 4.33
CA PRO G 50 -46.96 -4.49 3.78
C PRO G 50 -46.93 -3.05 4.26
N GLN G 51 -48.06 -2.50 4.71
CA GLN G 51 -48.06 -1.14 5.24
C GLN G 51 -47.36 -1.05 6.59
N ALA G 52 -47.47 -2.10 7.40
CA ALA G 52 -46.86 -2.08 8.73
C ALA G 52 -45.34 -2.18 8.64
N ILE G 53 -44.83 -3.10 7.81
CA ILE G 53 -43.39 -3.25 7.68
C ILE G 53 -42.77 -2.04 7.00
N ALA G 54 -43.51 -1.41 6.07
CA ALA G 54 -42.97 -0.23 5.40
C ALA G 54 -43.01 1.00 6.31
N GLN G 55 -44.07 1.12 7.11
CA GLN G 55 -44.15 2.24 8.05
C GLN G 55 -43.06 2.14 9.11
N LEU G 56 -42.76 0.92 9.56
CA LEU G 56 -41.65 0.72 10.48
C LEU G 56 -40.34 1.18 9.86
N ASN G 57 -40.09 0.76 8.61
CA ASN G 57 -38.85 1.15 7.93
C ASN G 57 -38.72 2.66 7.86
N ASP G 58 -39.83 3.38 7.68
CA ASP G 58 -39.78 4.82 7.68
C ASP G 58 -39.42 5.37 9.06
N GLN G 59 -39.84 4.69 10.12
CA GLN G 59 -39.51 5.12 11.47
C GLN G 59 -38.06 4.84 11.83
N VAL G 60 -37.42 3.84 11.20
CA VAL G 60 -36.03 3.52 11.47
C VAL G 60 -35.08 4.15 10.46
N ASN G 61 -35.60 4.95 9.53
CA ASN G 61 -34.79 5.66 8.52
C ASN G 61 -34.02 4.68 7.64
N GLY G 62 -34.78 3.78 7.01
CA GLY G 62 -34.21 2.91 5.99
C GLY G 62 -33.24 1.86 6.48
N ARG G 63 -33.20 1.58 7.79
CA ARG G 63 -32.30 0.56 8.29
C ARG G 63 -32.75 -0.85 7.91
N ILE G 64 -34.04 -1.02 7.60
CA ILE G 64 -34.55 -2.30 7.10
C ILE G 64 -35.07 -2.08 5.69
N GLN G 65 -34.46 -1.14 4.97
CA GLN G 65 -34.91 -0.82 3.62
C GLN G 65 -34.75 -2.00 2.68
N GLU G 66 -33.69 -2.79 2.87
CA GLU G 66 -33.48 -3.95 2.02
C GLU G 66 -34.50 -5.05 2.29
N MET G 67 -34.92 -5.21 3.55
CA MET G 67 -35.84 -6.29 3.89
C MET G 67 -37.25 -6.02 3.38
N VAL G 68 -37.67 -4.75 3.33
CA VAL G 68 -38.99 -4.43 2.82
C VAL G 68 -39.04 -4.55 1.30
N GLY G 69 -37.89 -4.57 0.64
CA GLY G 69 -37.84 -4.72 -0.80
C GLY G 69 -37.82 -6.18 -1.22
N ILE G 70 -37.23 -7.02 -0.37
CA ILE G 70 -37.23 -8.46 -0.64
C ILE G 70 -38.63 -9.04 -0.46
N LEU G 71 -39.34 -8.58 0.58
CA LEU G 71 -40.70 -9.08 0.80
C LEU G 71 -41.64 -8.61 -0.29
N TYR G 72 -41.33 -7.49 -0.96
CA TYR G 72 -42.20 -6.97 -2.01
C TYR G 72 -42.00 -7.66 -3.35
N GLY G 73 -40.84 -8.26 -3.59
CA GLY G 73 -40.55 -8.81 -4.90
C GLY G 73 -40.22 -10.29 -4.95
N TYR G 74 -40.25 -10.96 -3.81
CA TYR G 74 -39.95 -12.39 -3.79
C TYR G 74 -41.13 -13.19 -4.32
N ASP G 75 -40.81 -14.28 -5.03
CA ASP G 75 -41.84 -15.13 -5.62
C ASP G 75 -42.31 -16.14 -4.59
N PRO G 76 -43.59 -16.11 -4.17
CA PRO G 76 -44.06 -17.06 -3.16
C PRO G 76 -44.08 -18.50 -3.61
N ARG G 77 -43.96 -18.76 -4.91
CA ARG G 77 -44.02 -20.13 -5.43
C ARG G 77 -42.66 -20.80 -5.50
N THR G 78 -41.57 -20.07 -5.26
CA THR G 78 -40.24 -20.64 -5.42
C THR G 78 -39.36 -20.38 -4.19
N GLU G 79 -39.53 -19.25 -3.53
CA GLU G 79 -38.64 -18.85 -2.44
C GLU G 79 -39.45 -18.43 -1.22
N VAL G 80 -38.85 -18.63 -0.05
CA VAL G 80 -39.47 -18.34 1.25
C VAL G 80 -38.81 -17.12 1.85
N ALA G 81 -39.63 -16.21 2.39
CA ALA G 81 -39.13 -14.99 3.01
C ALA G 81 -39.91 -14.73 4.30
N ILE G 82 -39.26 -14.95 5.43
CA ILE G 82 -39.86 -14.76 6.75
C ILE G 82 -39.00 -13.78 7.53
N PHE G 83 -39.63 -12.77 8.12
CA PHE G 83 -38.94 -11.78 8.93
C PHE G 83 -39.02 -12.16 10.41
N VAL G 84 -37.92 -11.95 11.13
CA VAL G 84 -37.82 -12.30 12.54
C VAL G 84 -37.65 -11.02 13.34
N ILE G 85 -38.36 -10.94 14.46
CA ILE G 85 -38.28 -9.80 15.38
C ILE G 85 -37.52 -10.29 16.62
N GLY G 86 -36.32 -9.74 16.82
CA GLY G 86 -35.51 -10.09 17.97
C GLY G 86 -35.53 -9.01 19.02
N PRO G 87 -34.43 -8.88 19.78
CA PRO G 87 -34.35 -7.82 20.79
C PRO G 87 -34.36 -6.43 20.17
N THR G 88 -33.25 -6.06 19.51
CA THR G 88 -33.17 -4.82 18.75
C THR G 88 -32.62 -5.09 17.36
N GLN G 89 -32.80 -6.32 16.87
CA GLN G 89 -32.27 -6.73 15.57
C GLN G 89 -33.37 -7.42 14.77
N PHE G 90 -33.27 -7.31 13.45
CA PHE G 90 -34.20 -7.94 12.53
C PHE G 90 -33.45 -8.92 11.64
N LYS G 91 -33.94 -10.15 11.58
CA LYS G 91 -33.38 -11.19 10.74
C LYS G 91 -34.42 -11.65 9.73
N LEU G 92 -33.99 -11.84 8.48
CA LEU G 92 -34.87 -12.23 7.39
C LEU G 92 -34.54 -13.65 6.97
N LEU G 93 -35.38 -14.60 7.37
CA LEU G 93 -35.24 -15.97 6.91
C LEU G 93 -35.59 -16.04 5.43
N PHE G 94 -34.56 -16.18 4.59
CA PHE G 94 -34.74 -16.07 3.14
C PHE G 94 -33.98 -17.21 2.47
N PHE G 95 -34.71 -18.08 1.78
CA PHE G 95 -34.11 -19.23 1.12
C PHE G 95 -35.04 -19.73 0.04
N GLN G 96 -34.46 -20.42 -0.95
CA GLN G 96 -35.22 -21.05 -2.03
C GLN G 96 -35.18 -22.56 -1.86
N PRO G 97 -36.25 -23.18 -1.37
CA PRO G 97 -36.20 -24.63 -1.12
C PRO G 97 -36.10 -25.42 -2.42
N ILE G 98 -35.38 -26.54 -2.34
CA ILE G 98 -35.16 -27.37 -3.53
C ILE G 98 -36.48 -27.87 -4.11
N PRO G 99 -37.42 -28.40 -3.32
CA PRO G 99 -38.80 -28.49 -3.80
C PRO G 99 -39.53 -27.19 -3.50
N ASP G 100 -40.30 -26.72 -4.49
CA ASP G 100 -41.03 -25.48 -4.32
C ASP G 100 -41.96 -25.58 -3.12
N PRO G 101 -42.32 -24.44 -2.51
CA PRO G 101 -43.18 -24.48 -1.31
C PRO G 101 -44.47 -25.27 -1.49
N ALA G 102 -45.05 -25.24 -2.69
CA ALA G 102 -46.23 -26.06 -2.95
C ALA G 102 -45.92 -27.54 -2.88
N SER G 103 -44.72 -27.94 -3.31
CA SER G 103 -44.35 -29.35 -3.23
C SER G 103 -44.06 -29.78 -1.80
N CYS G 104 -43.51 -28.88 -0.98
CA CYS G 104 -43.22 -29.22 0.41
C CYS G 104 -44.50 -29.41 1.21
N PHE G 105 -45.53 -28.61 0.90
CA PHE G 105 -46.81 -28.75 1.62
C PHE G 105 -47.49 -30.07 1.30
N ALA G 106 -47.35 -30.56 0.06
CA ALA G 106 -47.98 -31.82 -0.31
C ALA G 106 -47.15 -33.03 0.11
N ALA G 107 -45.82 -32.87 0.22
CA ALA G 107 -44.97 -34.00 0.59
C ALA G 107 -45.10 -34.32 2.08
N LEU G 108 -45.21 -33.29 2.93
CA LEU G 108 -45.33 -33.51 4.36
C LEU G 108 -46.74 -33.95 4.75
N GLY G 109 -47.75 -33.37 4.11
CA GLY G 109 -49.12 -33.71 4.44
C GLY G 109 -49.57 -33.23 5.80
N LEU G 110 -49.16 -32.03 6.19
CA LEU G 110 -49.51 -31.46 7.49
C LEU G 110 -50.30 -30.17 7.27
N THR G 111 -51.31 -29.97 8.11
CA THR G 111 -52.10 -28.75 8.05
C THR G 111 -51.28 -27.56 8.54
N ILE G 112 -51.79 -26.35 8.30
CA ILE G 112 -51.09 -25.15 8.73
C ILE G 112 -50.97 -25.11 10.24
N GLU G 113 -51.96 -25.67 10.96
CA GLU G 113 -51.86 -25.74 12.41
C GLU G 113 -50.75 -26.68 12.85
N GLU G 114 -50.63 -27.83 12.18
CA GLU G 114 -49.58 -28.79 12.54
C GLU G 114 -48.21 -28.27 12.17
N LEU G 115 -48.10 -27.49 11.09
CA LEU G 115 -46.81 -26.92 10.71
C LEU G 115 -46.40 -25.79 11.65
N LYS G 116 -47.33 -24.91 11.99
CA LYS G 116 -47.02 -23.79 12.87
C LYS G 116 -46.66 -24.28 14.27
N HIS G 117 -47.32 -25.32 14.75
CA HIS G 117 -47.08 -25.80 16.11
C HIS G 117 -45.71 -26.49 16.21
N ARG G 118 -45.46 -27.46 15.34
CA ARG G 118 -44.22 -28.24 15.43
C ARG G 118 -42.99 -27.38 15.14
N LEU G 119 -43.12 -26.40 14.24
CA LEU G 119 -41.99 -25.51 13.97
C LEU G 119 -41.70 -24.62 15.17
N GLU G 120 -42.74 -24.13 15.85
CA GLU G 120 -42.53 -23.32 17.04
C GLU G 120 -41.89 -24.14 18.15
N LYS G 121 -42.31 -25.41 18.31
CA LYS G 121 -41.70 -26.26 19.32
C LYS G 121 -40.24 -26.58 18.98
N THR G 122 -39.96 -26.84 17.70
CA THR G 122 -38.60 -27.17 17.30
C THR G 122 -37.66 -25.99 17.50
N LEU G 123 -38.11 -24.78 17.17
CA LEU G 123 -37.25 -23.61 17.31
C LEU G 123 -37.02 -23.26 18.78
N GLN G 124 -38.08 -23.34 19.60
CA GLN G 124 -37.94 -22.99 21.01
C GLN G 124 -37.04 -23.98 21.74
N GLU G 125 -37.06 -25.26 21.35
CA GLU G 125 -36.14 -26.22 21.96
C GLU G 125 -34.70 -25.93 21.58
N LYS G 126 -34.47 -25.42 20.37
CA LYS G 126 -33.12 -25.07 19.97
C LYS G 126 -32.63 -23.83 20.71
N LEU G 127 -33.54 -22.89 20.99
CA LEU G 127 -33.17 -21.69 21.72
C LEU G 127 -33.03 -21.92 23.22
N ALA G 128 -33.63 -22.98 23.74
CA ALA G 128 -33.56 -23.28 25.17
C ALA G 128 -32.38 -24.20 25.47
N PRO H 1 29.70 -2.64 25.05
CA PRO H 1 29.29 -1.28 24.66
C PRO H 1 30.42 -0.50 24.03
N TRP H 2 31.37 -1.22 23.41
CA TRP H 2 32.56 -0.57 22.87
C TRP H 2 32.23 0.35 21.70
N ARG H 3 31.12 0.08 20.99
CA ARG H 3 30.80 0.89 19.82
C ARG H 3 30.35 2.29 20.22
N TYR H 4 29.49 2.39 21.24
CA TYR H 4 29.00 3.71 21.65
C TYR H 4 30.07 4.51 22.39
N ARG H 5 30.99 3.83 23.08
CA ARG H 5 32.07 4.54 23.75
C ARG H 5 32.99 5.23 22.75
N LEU H 6 33.12 4.66 21.55
CA LEU H 6 33.91 5.29 20.50
C LEU H 6 33.21 6.49 19.88
N ASP H 7 31.88 6.55 19.95
CA ASP H 7 31.16 7.72 19.47
C ASP H 7 31.33 8.89 20.41
N GLN H 8 31.33 8.63 21.72
CA GLN H 8 31.57 9.69 22.71
C GLN H 8 33.00 10.20 22.63
N PHE H 9 33.96 9.27 22.55
CA PHE H 9 35.37 9.66 22.49
C PHE H 9 35.65 10.50 21.25
N THR H 10 34.86 10.33 20.19
CA THR H 10 35.10 11.08 18.96
C THR H 10 34.60 12.51 19.08
N LYS H 11 33.38 12.69 19.57
CA LYS H 11 32.83 14.04 19.62
C LYS H 11 33.37 14.84 20.80
N GLU H 12 33.81 14.17 21.87
CA GLU H 12 34.37 14.89 23.00
C GLU H 12 35.82 15.30 22.74
N GLU H 13 36.64 14.36 22.27
CA GLU H 13 38.04 14.64 21.93
C GLU H 13 38.19 15.14 20.51
N GLN H 14 37.33 16.06 20.07
CA GLN H 14 37.36 16.51 18.69
C GLN H 14 38.64 17.30 18.38
N THR H 15 39.08 18.13 19.33
CA THR H 15 40.28 18.93 19.11
C THR H 15 41.54 18.11 19.27
N ALA H 16 41.56 17.19 20.25
CA ALA H 16 42.76 16.39 20.48
C ALA H 16 43.00 15.41 19.34
N LEU H 17 41.94 14.76 18.84
CA LEU H 17 42.08 13.83 17.73
C LEU H 17 42.56 14.54 16.47
N GLY H 18 42.02 15.73 16.19
CA GLY H 18 42.51 16.50 15.07
C GLY H 18 43.97 16.90 15.22
N ALA H 19 44.42 17.09 16.47
CA ALA H 19 45.83 17.36 16.70
C ALA H 19 46.70 16.14 16.41
N LEU H 20 46.22 14.95 16.80
CA LEU H 20 46.98 13.73 16.51
C LEU H 20 46.94 13.39 15.03
N ALA H 21 45.84 13.69 14.35
CA ALA H 21 45.77 13.44 12.91
C ALA H 21 46.74 14.34 12.16
N TRP H 22 46.81 15.62 12.54
CA TRP H 22 47.72 16.54 11.87
C TRP H 22 49.18 16.19 12.17
N ALA H 23 49.46 15.66 13.36
CA ALA H 23 50.82 15.21 13.66
C ALA H 23 51.17 13.95 12.88
N PHE H 24 50.19 13.05 12.69
CA PHE H 24 50.41 11.87 11.87
C PHE H 24 50.47 12.22 10.39
N TYR H 25 49.79 13.30 9.99
CA TYR H 25 49.85 13.73 8.60
C TYR H 25 51.22 14.27 8.23
N GLN H 26 51.93 14.85 9.19
CA GLN H 26 53.29 15.33 8.93
C GLN H 26 54.30 14.19 8.94
N GLN H 27 54.01 13.11 9.66
CA GLN H 27 54.87 11.93 9.61
C GLN H 27 54.87 11.31 8.22
N TRP H 28 53.72 11.33 7.56
CA TRP H 28 53.56 10.77 6.21
C TRP H 28 52.79 11.78 5.37
N PRO H 29 53.49 12.72 4.73
CA PRO H 29 52.78 13.76 3.98
C PRO H 29 52.03 13.24 2.77
N ALA H 30 52.49 12.15 2.16
CA ALA H 30 51.86 11.59 0.99
C ALA H 30 50.73 10.62 1.32
N LYS H 31 50.27 10.60 2.58
CA LYS H 31 49.20 9.71 3.04
C LYS H 31 49.54 8.25 2.80
N GLU H 32 50.82 7.90 2.81
CA GLU H 32 51.26 6.52 2.61
C GLU H 32 51.04 5.67 3.85
N GLN H 33 50.43 6.20 4.90
CA GLN H 33 50.05 5.45 6.08
C GLN H 33 48.74 6.02 6.60
N TYR H 34 47.90 5.13 7.14
CA TYR H 34 46.60 5.50 7.65
C TYR H 34 46.57 5.33 9.17
N LEU H 35 46.15 6.39 9.87
CA LEU H 35 46.08 6.36 11.32
C LEU H 35 44.99 5.39 11.77
N GLY H 36 45.38 4.36 12.50
CA GLY H 36 44.46 3.33 12.95
C GLY H 36 44.23 3.35 14.44
N LEU H 37 43.52 2.31 14.91
CA LEU H 37 43.17 2.20 16.33
C LEU H 37 42.77 0.75 16.58
N ASP H 38 43.66 0.00 17.22
CA ASP H 38 43.45 -1.41 17.50
C ASP H 38 43.02 -1.60 18.95
N LEU H 39 42.12 -2.56 19.18
CA LEU H 39 41.55 -2.80 20.50
C LEU H 39 41.81 -4.22 21.00
N HIS H 40 42.84 -4.90 20.47
CA HIS H 40 43.07 -6.28 20.88
C HIS H 40 43.51 -6.38 22.34
N PRO H 41 44.54 -5.66 22.82
CA PRO H 41 44.79 -5.64 24.26
C PRO H 41 44.15 -4.43 24.90
N GLN H 42 44.82 -3.30 24.82
CA GLN H 42 44.29 -2.00 25.21
C GLN H 42 44.09 -1.14 23.98
N ALA H 43 43.36 -0.04 24.16
CA ALA H 43 43.09 0.90 23.08
C ALA H 43 44.38 1.61 22.70
N HIS H 44 44.90 1.31 21.51
CA HIS H 44 46.16 1.90 21.05
C HIS H 44 46.06 2.18 19.56
N PHE H 45 46.70 3.28 19.15
CA PHE H 45 46.71 3.68 17.75
C PHE H 45 47.73 2.87 16.95
N ILE H 46 47.36 2.55 15.71
CA ILE H 46 48.25 1.80 14.82
C ILE H 46 48.32 2.52 13.49
N SER H 47 49.00 1.92 12.52
CA SER H 47 49.11 2.48 11.18
C SER H 47 49.34 1.35 10.18
N CYS H 48 48.82 1.52 8.97
CA CYS H 48 48.93 0.52 7.93
C CYS H 48 49.17 1.19 6.58
N ALA H 49 49.80 0.46 5.68
CA ALA H 49 50.03 0.95 4.33
C ALA H 49 48.72 0.93 3.54
N PRO H 50 48.62 1.72 2.48
CA PRO H 50 47.41 1.67 1.65
C PRO H 50 47.16 0.32 1.00
N GLN H 51 48.22 -0.45 0.74
CA GLN H 51 48.04 -1.78 0.18
C GLN H 51 47.43 -2.74 1.21
N ALA H 52 47.64 -2.47 2.50
CA ALA H 52 47.07 -3.32 3.53
C ALA H 52 45.56 -3.16 3.60
N ILE H 53 45.07 -1.91 3.58
CA ILE H 53 43.63 -1.69 3.61
C ILE H 53 42.99 -2.00 2.26
N ALA H 54 43.80 -2.11 1.19
CA ALA H 54 43.28 -2.45 -0.13
C ALA H 54 43.19 -3.96 -0.34
N GLN H 55 44.22 -4.70 0.07
CA GLN H 55 44.15 -6.15 -0.04
C GLN H 55 43.15 -6.74 0.93
N LEU H 56 42.89 -6.06 2.06
CA LEU H 56 41.84 -6.50 2.97
C LEU H 56 40.47 -6.34 2.33
N ASN H 57 40.26 -5.25 1.60
CA ASN H 57 38.99 -5.05 0.90
C ASN H 57 38.80 -6.10 -0.20
N ASP H 58 39.90 -6.46 -0.89
CA ASP H 58 39.82 -7.48 -1.92
C ASP H 58 39.54 -8.85 -1.32
N GLN H 59 40.11 -9.13 -0.14
CA GLN H 59 39.90 -10.42 0.50
C GLN H 59 38.46 -10.58 0.97
N VAL H 60 37.77 -9.48 1.28
CA VAL H 60 36.38 -9.54 1.71
C VAL H 60 35.40 -9.27 0.57
N ASN H 61 35.90 -9.11 -0.66
CA ASN H 61 35.05 -8.92 -1.85
C ASN H 61 34.21 -7.66 -1.75
N GLY H 62 34.86 -6.54 -1.47
CA GLY H 62 34.19 -5.25 -1.50
C GLY H 62 33.26 -4.96 -0.35
N ARG H 63 33.37 -5.71 0.75
CA ARG H 63 32.53 -5.46 1.91
C ARG H 63 32.82 -4.09 2.52
N ILE H 64 34.08 -3.68 2.56
CA ILE H 64 34.51 -2.45 3.19
C ILE H 64 35.01 -1.43 2.18
N GLN H 65 34.57 -1.54 0.92
CA GLN H 65 35.10 -0.65 -0.11
C GLN H 65 34.70 0.80 0.12
N GLU H 66 33.63 1.06 0.86
CA GLU H 66 33.29 2.44 1.17
C GLU H 66 34.29 3.05 2.15
N MET H 67 34.72 2.28 3.14
CA MET H 67 35.75 2.76 4.07
C MET H 67 37.04 3.06 3.32
N VAL H 68 37.39 2.23 2.35
CA VAL H 68 38.58 2.50 1.53
C VAL H 68 38.40 3.81 0.77
N GLY H 69 37.20 4.06 0.26
CA GLY H 69 36.95 5.30 -0.45
C GLY H 69 37.03 6.54 0.43
N ILE H 70 36.73 6.38 1.73
CA ILE H 70 36.84 7.50 2.65
C ILE H 70 38.29 7.76 3.03
N LEU H 71 39.05 6.69 3.30
CA LEU H 71 40.46 6.85 3.65
C LEU H 71 41.27 7.35 2.47
N TYR H 72 40.89 6.99 1.25
CA TYR H 72 41.64 7.39 0.06
C TYR H 72 41.32 8.80 -0.40
N GLY H 73 40.25 9.42 0.11
CA GLY H 73 39.83 10.70 -0.42
C GLY H 73 39.56 11.78 0.59
N TYR H 74 39.72 11.49 1.88
CA TYR H 74 39.49 12.50 2.91
C TYR H 74 40.62 13.51 2.90
N ASP H 75 40.26 14.78 3.09
CA ASP H 75 41.24 15.87 3.09
C ASP H 75 41.90 15.98 4.46
N PRO H 76 43.20 15.69 4.57
CA PRO H 76 43.85 15.74 5.89
C PRO H 76 43.91 17.13 6.49
N ARG H 77 43.71 18.18 5.69
CA ARG H 77 43.77 19.55 6.20
C ARG H 77 42.46 19.99 6.82
N THR H 78 41.36 19.27 6.57
CA THR H 78 40.05 19.63 7.12
C THR H 78 39.28 18.45 7.70
N GLU H 79 39.74 17.22 7.50
CA GLU H 79 39.00 16.03 7.94
C GLU H 79 39.92 15.07 8.66
N VAL H 80 39.33 14.28 9.56
CA VAL H 80 40.03 13.26 10.32
C VAL H 80 39.45 11.90 9.95
N ALA H 81 40.33 10.92 9.71
CA ALA H 81 39.91 9.58 9.33
C ALA H 81 40.78 8.57 10.07
N ILE H 82 40.17 7.83 11.00
CA ILE H 82 40.85 6.79 11.77
C ILE H 82 40.01 5.53 11.68
N PHE H 83 40.62 4.44 11.21
CA PHE H 83 39.93 3.16 11.12
C PHE H 83 40.14 2.37 12.41
N VAL H 84 39.10 1.66 12.83
CA VAL H 84 39.11 0.88 14.06
C VAL H 84 38.91 -0.58 13.71
N ILE H 85 39.79 -1.44 14.21
CA ILE H 85 39.68 -2.88 14.00
C ILE H 85 38.84 -3.46 15.14
N GLY H 86 37.72 -4.07 14.78
CA GLY H 86 36.87 -4.71 15.76
C GLY H 86 36.73 -6.20 15.49
N PRO H 87 36.05 -6.91 16.39
CA PRO H 87 35.80 -8.34 16.17
C PRO H 87 34.98 -8.57 14.92
N THR H 88 35.66 -8.79 13.79
CA THR H 88 35.02 -8.88 12.48
C THR H 88 34.20 -7.63 12.18
N GLN H 89 34.67 -6.47 12.66
CA GLN H 89 33.99 -5.21 12.46
C GLN H 89 35.02 -4.14 12.14
N PHE H 90 34.55 -3.04 11.54
CA PHE H 90 35.38 -1.88 11.25
C PHE H 90 34.54 -0.63 11.43
N LYS H 91 35.09 0.35 12.15
CA LYS H 91 34.39 1.59 12.44
C LYS H 91 35.30 2.76 12.10
N LEU H 92 34.77 3.72 11.34
CA LEU H 92 35.53 4.90 10.93
C LEU H 92 35.37 6.01 11.95
N LEU H 93 36.49 6.59 12.38
CA LEU H 93 36.47 7.83 13.15
C LEU H 93 36.62 8.97 12.15
N PHE H 94 35.50 9.34 11.56
CA PHE H 94 35.46 10.27 10.43
C PHE H 94 34.63 11.49 10.82
N PHE H 95 35.28 12.65 10.88
CA PHE H 95 34.61 13.88 11.27
C PHE H 95 35.40 15.08 10.76
N GLN H 96 34.69 16.18 10.57
CA GLN H 96 35.30 17.45 10.18
C GLN H 96 35.28 18.39 11.39
N PRO H 97 36.43 18.69 12.00
CA PRO H 97 36.42 19.49 13.22
C PRO H 97 36.55 20.99 12.93
N ILE H 98 36.07 21.77 13.90
CA ILE H 98 36.21 23.22 13.87
C ILE H 98 37.02 23.64 15.09
N PRO H 99 38.23 24.21 14.93
CA PRO H 99 38.89 24.56 13.66
C PRO H 99 39.54 23.36 12.97
N ASP H 100 40.25 23.61 11.87
CA ASP H 100 40.88 22.55 11.11
C ASP H 100 41.95 21.85 11.95
N PRO H 101 42.33 20.62 11.57
CA PRO H 101 43.37 19.91 12.34
C PRO H 101 44.70 20.64 12.41
N ALA H 102 45.00 21.54 11.47
CA ALA H 102 46.20 22.34 11.58
C ALA H 102 46.12 23.30 12.76
N SER H 103 44.93 23.84 13.02
CA SER H 103 44.75 24.74 14.16
C SER H 103 44.59 23.99 15.46
N CYS H 104 44.03 22.77 15.43
CA CYS H 104 43.89 21.99 16.65
C CYS H 104 45.26 21.63 17.23
N PHE H 105 46.19 21.23 16.38
CA PHE H 105 47.55 20.92 16.85
C PHE H 105 48.26 22.16 17.37
N ALA H 106 47.98 23.33 16.78
CA ALA H 106 48.63 24.55 17.21
C ALA H 106 48.01 25.10 18.49
N ALA H 107 46.68 25.14 18.57
CA ALA H 107 45.99 25.65 19.75
C ALA H 107 46.15 24.74 20.96
N LEU H 108 46.61 23.50 20.77
CA LEU H 108 46.77 22.56 21.87
C LEU H 108 48.20 22.49 22.40
N GLY H 109 49.20 22.68 21.54
CA GLY H 109 50.59 22.70 21.96
C GLY H 109 51.03 21.44 22.67
N LEU H 110 50.83 20.29 22.04
CA LEU H 110 51.19 19.00 22.63
C LEU H 110 51.87 18.16 21.56
N THR H 111 52.99 17.52 21.93
CA THR H 111 53.75 16.74 20.98
C THR H 111 53.00 15.46 20.59
N ILE H 112 53.48 14.79 19.55
CA ILE H 112 52.81 13.60 19.05
C ILE H 112 52.95 12.45 20.04
N GLU H 113 54.01 12.45 20.85
CA GLU H 113 54.15 11.42 21.88
C GLU H 113 53.13 11.62 22.99
N GLU H 114 52.92 12.86 23.42
CA GLU H 114 51.95 13.15 24.46
C GLU H 114 50.51 13.18 23.93
N LEU H 115 50.32 13.42 22.64
CA LEU H 115 48.98 13.31 22.06
C LEU H 115 48.53 11.86 22.01
N LYS H 116 49.41 10.96 21.56
CA LYS H 116 49.06 9.55 21.49
C LYS H 116 48.89 8.94 22.87
N HIS H 117 49.65 9.40 23.87
CA HIS H 117 49.56 8.83 25.20
C HIS H 117 48.28 9.25 25.89
N ARG H 118 47.97 10.55 25.87
CA ARG H 118 46.76 11.05 26.53
C ARG H 118 45.51 10.49 25.88
N LEU H 119 45.49 10.40 24.54
CA LEU H 119 44.31 9.88 23.86
C LEU H 119 44.12 8.39 24.13
N GLU H 120 45.21 7.63 24.17
CA GLU H 120 45.10 6.23 24.58
C GLU H 120 44.66 6.13 26.04
N LYS H 121 45.14 7.04 26.89
CA LYS H 121 44.72 7.04 28.28
C LYS H 121 43.24 7.42 28.40
N THR H 122 42.79 8.37 27.57
CA THR H 122 41.39 8.79 27.65
C THR H 122 40.45 7.71 27.13
N LEU H 123 40.86 6.97 26.11
CA LEU H 123 40.01 5.93 25.55
C LEU H 123 40.00 4.67 26.40
N GLN H 124 41.13 4.33 27.02
CA GLN H 124 41.16 3.18 27.91
C GLN H 124 40.25 3.38 29.11
N GLU H 125 40.15 4.61 29.61
CA GLU H 125 39.27 4.90 30.74
C GLU H 125 37.82 5.01 30.30
N LYS H 126 37.57 5.54 29.10
CA LYS H 126 36.20 5.69 28.63
C LYS H 126 35.54 4.33 28.41
N LEU H 127 36.32 3.33 27.98
CA LEU H 127 35.76 1.99 27.80
C LEU H 127 35.38 1.35 29.14
N ALA H 128 36.11 1.67 30.20
CA ALA H 128 35.86 1.14 31.53
C ALA H 128 35.83 -0.38 31.56
#